data_2WE8
#
_entry.id   2WE8
#
_cell.length_a   101.208
_cell.length_b   101.208
_cell.length_c   316.669
_cell.angle_alpha   90.00
_cell.angle_beta   90.00
_cell.angle_gamma   120.00
#
_symmetry.space_group_name_H-M   'P 63 2 2'
#
loop_
_entity.id
_entity.type
_entity.pdbx_description
1 polymer 'XANTHINE DEHYDROGENASE'
2 non-polymer GLYCEROL
3 non-polymer 'ACETATE ION'
4 water water
#
_entity_poly.entity_id   1
_entity_poly.type   'polypeptide(L)'
_entity_poly.pdbx_seq_one_letter_code
;MLGGVRDVLGTLSAVWESGGTAGVGTVVRTFRSAPRPAGASMVVAPDGTVSGSVSGGCVEGAVYDLATEVVATGTPVLQR
YGVSDDDAFEVGLTCGGILDVFVEPVSQKTFPQLGAIRDDIEAQRPVAVATVITHPDAQWIGRRLVVHTDEVAGSLGSSR
ADAAVTDDARGLLAAGRSEVLTYGPDGQRRGEGMEVFVSSYAPRPRMLVFGAIDFAAAVAQQGAFLGYRVTVCDARPVFA
TTARFPTADEVVVDWPHRYLAAQAEAGAIDARTVVCVLTHDPKFDVPLLEVALRLPDIAYIGAMGSRRTHEDRLARLREA
GLTEEELARLSSPIGLDLGGRTPEETAVSIAAEIIAKRWGGEGRPLAETGGRIHHELGEHESAPAS
;
_entity_poly.pdbx_strand_id   A,B
#
loop_
_chem_comp.id
_chem_comp.type
_chem_comp.name
_chem_comp.formula
ACT non-polymer 'ACETATE ION' 'C2 H3 O2 -1'
GOL non-polymer GLYCEROL 'C3 H8 O3'
#
# COMPACT_ATOMS: atom_id res chain seq x y z
N GLY A 4 18.40 9.28 4.34
CA GLY A 4 18.65 7.84 4.64
C GLY A 4 19.66 7.17 3.71
N VAL A 5 19.20 6.12 3.00
CA VAL A 5 20.06 5.36 2.05
C VAL A 5 20.45 6.07 0.75
N ARG A 6 20.02 7.32 0.55
CA ARG A 6 20.31 8.07 -0.68
C ARG A 6 21.82 8.14 -1.05
N ASP A 7 22.67 8.32 -0.04
CA ASP A 7 24.13 8.25 -0.20
C ASP A 7 24.61 6.96 -0.92
N VAL A 8 24.09 5.80 -0.50
CA VAL A 8 24.56 4.47 -0.96
C VAL A 8 23.51 3.63 -1.70
N LEU A 9 22.47 4.28 -2.21
CA LEU A 9 21.33 3.60 -2.79
C LEU A 9 21.62 2.95 -4.13
N GLY A 10 22.47 3.59 -4.93
CA GLY A 10 22.91 3.01 -6.20
C GLY A 10 23.63 1.69 -5.99
N THR A 11 24.54 1.66 -5.01
CA THR A 11 25.32 0.47 -4.70
C THR A 11 24.42 -0.61 -4.12
N LEU A 12 23.56 -0.24 -3.17
CA LEU A 12 22.61 -1.18 -2.58
C LEU A 12 21.63 -1.75 -3.60
N SER A 13 21.22 -0.92 -4.56
CA SER A 13 20.25 -1.34 -5.56
C SER A 13 20.88 -2.37 -6.47
N ALA A 14 22.12 -2.09 -6.88
CA ALA A 14 22.87 -2.99 -7.74
C ALA A 14 23.04 -4.35 -7.07
N VAL A 15 23.23 -4.39 -5.76
CA VAL A 15 23.32 -5.68 -5.06
C VAL A 15 21.97 -6.38 -5.09
N TRP A 16 20.92 -5.64 -4.72
CA TRP A 16 19.54 -6.11 -4.69
C TRP A 16 19.10 -6.68 -6.06
N GLU A 17 19.39 -5.95 -7.13
CA GLU A 17 19.01 -6.34 -8.49
C GLU A 17 19.73 -7.60 -8.92
N SER A 18 20.98 -7.79 -8.47
CA SER A 18 21.78 -8.93 -8.90
C SER A 18 21.36 -10.23 -8.24
N GLY A 19 20.53 -10.17 -7.21
CA GLY A 19 20.08 -11.37 -6.53
C GLY A 19 20.79 -11.64 -5.21
N GLY A 20 21.78 -10.80 -4.88
CA GLY A 20 22.56 -10.99 -3.66
C GLY A 20 21.97 -10.31 -2.43
N THR A 21 22.61 -10.52 -1.30
CA THR A 21 22.17 -9.97 -0.04
C THR A 21 23.25 -9.02 0.44
N ALA A 22 22.83 -7.77 0.69
CA ALA A 22 23.65 -6.75 1.33
C ALA A 22 23.35 -6.74 2.80
N GLY A 23 24.34 -6.35 3.60
CA GLY A 23 24.18 -6.11 5.04
C GLY A 23 24.17 -4.61 5.20
N VAL A 24 23.09 -4.11 5.79
CA VAL A 24 22.85 -2.68 5.83
C VAL A 24 22.73 -2.28 7.27
N GLY A 25 23.57 -1.33 7.69
CA GLY A 25 23.52 -0.75 9.02
C GLY A 25 23.02 0.67 8.93
N THR A 26 21.89 0.95 9.59
CA THR A 26 21.27 2.26 9.57
C THR A 26 21.30 2.87 10.98
N VAL A 27 21.79 4.09 11.06
CA VAL A 27 21.77 4.82 12.32
C VAL A 27 20.36 5.31 12.54
N VAL A 28 19.80 4.81 13.61
CA VAL A 28 18.43 4.97 13.97
C VAL A 28 18.25 6.07 15.05
N ARG A 29 19.22 6.18 15.95
CA ARG A 29 19.13 7.15 17.05
C ARG A 29 20.53 7.62 17.37
N THR A 30 20.66 8.83 17.84
CA THR A 30 21.99 9.31 18.17
C THR A 30 21.95 10.13 19.47
N PHE A 31 22.97 10.02 20.31
CA PHE A 31 23.09 10.88 21.49
C PHE A 31 24.50 11.40 21.64
N ARG A 32 24.61 12.57 22.25
CA ARG A 32 25.88 13.28 22.54
C ARG A 32 26.63 13.63 21.28
N SER A 33 25.88 14.14 20.31
CA SER A 33 26.43 14.61 19.05
C SER A 33 27.39 13.54 18.53
N ALA A 34 26.81 12.41 18.13
CA ALA A 34 27.55 11.43 17.35
C ALA A 34 27.64 11.94 15.88
N PRO A 35 28.68 11.48 15.13
CA PRO A 35 29.08 12.14 13.87
C PRO A 35 28.06 12.09 12.73
N ARG A 36 27.26 11.02 12.67
CA ARG A 36 26.26 10.84 11.60
C ARG A 36 24.86 10.66 12.18
N PRO A 37 23.82 11.22 11.52
CA PRO A 37 22.45 11.36 12.06
C PRO A 37 21.56 10.12 11.81
N ALA A 38 20.35 10.12 12.36
CA ALA A 38 19.33 9.13 11.99
C ALA A 38 19.19 9.00 10.46
N GLY A 39 19.48 7.81 9.94
CA GLY A 39 19.39 7.52 8.51
C GLY A 39 20.73 7.25 7.83
N ALA A 40 21.83 7.82 8.33
CA ALA A 40 23.17 7.45 7.88
C ALA A 40 23.27 5.93 7.75
N SER A 41 23.74 5.47 6.57
CA SER A 41 23.74 4.05 6.17
C SER A 41 25.11 3.54 5.73
N MET A 42 25.40 2.31 6.12
CA MET A 42 26.53 1.58 5.68
C MET A 42 26.00 0.34 5.00
N VAL A 43 26.60 -0.03 3.88
CA VAL A 43 26.17 -1.17 3.06
C VAL A 43 27.40 -2.06 2.80
N VAL A 44 27.28 -3.35 3.12
CA VAL A 44 28.36 -4.29 2.86
C VAL A 44 27.84 -5.22 1.76
N ALA A 45 28.48 -5.16 0.59
CA ALA A 45 28.16 -6.03 -0.57
C ALA A 45 28.66 -7.46 -0.31
N PRO A 46 28.06 -8.46 -0.96
CA PRO A 46 28.48 -9.85 -0.82
C PRO A 46 30.00 -10.06 -0.97
N ASP A 47 30.68 -9.25 -1.80
CA ASP A 47 32.12 -9.42 -2.01
C ASP A 47 32.89 -8.75 -0.90
N GLY A 48 32.18 -8.14 0.04
CA GLY A 48 32.78 -7.55 1.25
C GLY A 48 33.01 -6.06 1.20
N THR A 49 32.77 -5.44 0.04
CA THR A 49 33.02 -4.01 -0.18
CA THR A 49 33.04 -4.03 -0.16
C THR A 49 32.00 -3.16 0.59
N VAL A 50 32.50 -2.12 1.26
CA VAL A 50 31.68 -1.28 2.11
C VAL A 50 31.56 0.11 1.53
N SER A 51 30.38 0.68 1.63
CA SER A 51 30.22 2.11 1.38
C SER A 51 29.25 2.69 2.38
N GLY A 52 29.37 4.01 2.58
CA GLY A 52 28.58 4.74 3.55
C GLY A 52 29.28 4.70 4.89
N SER A 53 28.72 5.44 5.84
CA SER A 53 29.35 5.71 7.11
C SER A 53 28.27 5.88 8.18
N VAL A 54 28.50 5.38 9.37
CA VAL A 54 27.55 5.54 10.45
C VAL A 54 28.08 6.40 11.60
N SER A 55 29.38 6.56 11.63
CA SER A 55 30.10 7.27 12.67
C SER A 55 31.22 7.97 11.96
N GLY A 56 32.08 8.62 12.70
CA GLY A 56 33.18 9.33 12.10
C GLY A 56 34.44 8.49 12.00
N GLY A 57 34.27 7.18 12.08
CA GLY A 57 35.36 6.20 12.10
C GLY A 57 35.30 5.32 13.33
N CYS A 58 34.66 5.84 14.37
CA CYS A 58 34.65 5.26 15.70
C CYS A 58 34.23 3.79 15.83
N VAL A 59 33.13 3.37 15.18
CA VAL A 59 32.60 2.00 15.32
C VAL A 59 32.35 1.29 13.98
N GLU A 60 32.94 1.84 12.92
CA GLU A 60 32.81 1.33 11.56
C GLU A 60 33.21 -0.13 11.43
N GLY A 61 34.35 -0.49 12.02
CA GLY A 61 34.80 -1.87 12.03
C GLY A 61 33.82 -2.82 12.70
N ALA A 62 33.23 -2.38 13.82
CA ALA A 62 32.28 -3.19 14.58
C ALA A 62 30.97 -3.37 13.82
N VAL A 63 30.50 -2.30 13.18
CA VAL A 63 29.26 -2.36 12.39
C VAL A 63 29.48 -3.26 11.17
N TYR A 64 30.64 -3.14 10.53
CA TYR A 64 31.01 -4.02 9.41
C TYR A 64 30.92 -5.51 9.80
N ASP A 65 31.48 -5.88 10.95
CA ASP A 65 31.45 -7.27 11.41
C ASP A 65 30.04 -7.72 11.73
N LEU A 66 29.24 -6.79 12.29
CA LEU A 66 27.86 -7.09 12.64
C LEU A 66 27.08 -7.33 11.38
N ALA A 67 27.23 -6.43 10.40
CA ALA A 67 26.56 -6.58 9.11
C ALA A 67 26.93 -7.90 8.45
N THR A 68 28.21 -8.24 8.50
CA THR A 68 28.68 -9.52 8.00
C THR A 68 27.99 -10.71 8.72
N GLU A 69 27.95 -10.67 10.04
CA GLU A 69 27.27 -11.73 10.81
C GLU A 69 25.76 -11.81 10.54
N VAL A 70 25.12 -10.67 10.31
CA VAL A 70 23.66 -10.60 10.16
C VAL A 70 23.24 -11.19 8.81
N VAL A 71 24.06 -11.01 7.79
CA VAL A 71 23.84 -11.63 6.49
C VAL A 71 23.86 -13.17 6.60
N ALA A 72 24.82 -13.70 7.36
CA ALA A 72 24.94 -15.14 7.64
C ALA A 72 23.75 -15.76 8.38
N THR A 73 23.40 -15.18 9.52
CA THR A 73 22.26 -15.64 10.34
C THR A 73 20.92 -15.28 9.73
N GLY A 74 20.88 -14.15 9.04
CA GLY A 74 19.64 -13.63 8.46
C GLY A 74 18.72 -13.00 9.49
N THR A 75 19.26 -12.76 10.68
CA THR A 75 18.51 -12.18 11.81
C THR A 75 18.93 -10.71 12.07
N PRO A 76 17.99 -9.74 11.90
CA PRO A 76 18.30 -8.31 12.17
C PRO A 76 18.65 -8.03 13.62
N VAL A 77 19.44 -6.98 13.84
CA VAL A 77 19.96 -6.66 15.18
C VAL A 77 20.01 -5.14 15.41
N LEU A 78 19.45 -4.69 16.53
CA LEU A 78 19.67 -3.35 17.03
C LEU A 78 20.85 -3.39 17.98
N GLN A 79 21.87 -2.57 17.72
CA GLN A 79 23.06 -2.48 18.54
C GLN A 79 23.35 -1.06 18.97
N ARG A 80 23.62 -0.88 20.25
CA ARG A 80 24.04 0.42 20.76
C ARG A 80 25.55 0.43 20.91
N TYR A 81 26.17 1.47 20.35
CA TYR A 81 27.60 1.75 20.49
C TYR A 81 27.84 3.02 21.32
N GLY A 82 28.76 2.93 22.27
CA GLY A 82 29.09 4.04 23.19
C GLY A 82 30.59 4.22 23.18
N VAL A 83 31.06 5.44 23.00
CA VAL A 83 32.51 5.71 22.85
C VAL A 83 32.93 6.85 23.78
N GLY A 96 32.59 9.86 19.51
CA GLY A 96 32.36 10.52 20.81
C GLY A 96 30.97 10.30 21.41
N GLY A 97 29.99 10.01 20.56
CA GLY A 97 28.62 9.84 21.01
C GLY A 97 28.12 8.45 21.35
N ILE A 98 26.80 8.34 21.50
CA ILE A 98 26.11 7.08 21.61
C ILE A 98 25.29 6.88 20.34
N LEU A 99 25.29 5.66 19.82
CA LEU A 99 24.72 5.40 18.50
C LEU A 99 23.88 4.14 18.54
N ASP A 100 22.62 4.22 18.10
CA ASP A 100 21.84 3.00 17.85
C ASP A 100 21.89 2.72 16.37
N VAL A 101 22.35 1.52 16.02
CA VAL A 101 22.51 1.09 14.66
C VAL A 101 21.68 -0.17 14.45
N PHE A 102 20.80 -0.14 13.46
CA PHE A 102 20.02 -1.30 13.15
C PHE A 102 20.58 -1.99 11.91
N VAL A 103 20.85 -3.27 12.04
CA VAL A 103 21.53 -4.00 10.99
C VAL A 103 20.63 -5.10 10.46
N GLU A 104 20.50 -5.16 9.15
CA GLU A 104 19.56 -6.06 8.52
C GLU A 104 20.18 -6.58 7.23
N PRO A 105 19.72 -7.77 6.79
CA PRO A 105 20.01 -8.29 5.46
C PRO A 105 18.97 -7.78 4.47
N VAL A 106 19.44 -7.21 3.37
CA VAL A 106 18.57 -6.65 2.35
C VAL A 106 18.80 -7.44 1.07
N SER A 107 17.78 -8.20 0.65
CA SER A 107 17.78 -8.89 -0.66
C SER A 107 16.42 -8.75 -1.31
N GLN A 108 16.24 -9.38 -2.47
CA GLN A 108 14.93 -9.39 -3.11
C GLN A 108 13.95 -10.21 -2.28
N LYS A 109 14.46 -11.25 -1.62
CA LYS A 109 13.67 -12.10 -0.75
C LYS A 109 13.23 -11.37 0.52
N THR A 110 14.14 -10.65 1.18
CA THR A 110 13.88 -10.06 2.50
C THR A 110 13.25 -8.68 2.47
N PHE A 111 13.43 -7.99 1.34
CA PHE A 111 12.95 -6.62 1.12
C PHE A 111 12.47 -6.50 -0.33
N PRO A 112 11.28 -7.08 -0.66
CA PRO A 112 10.82 -7.13 -2.04
C PRO A 112 10.45 -5.78 -2.63
N GLN A 113 10.13 -4.80 -1.79
CA GLN A 113 9.79 -3.46 -2.27
C GLN A 113 10.97 -2.52 -2.59
N LEU A 114 12.21 -2.92 -2.32
CA LEU A 114 13.32 -1.96 -2.48
C LEU A 114 13.40 -1.34 -3.88
N GLY A 115 13.25 -2.15 -4.92
CA GLY A 115 13.26 -1.58 -6.26
C GLY A 115 12.23 -0.48 -6.44
N ALA A 116 11.00 -0.74 -6.03
CA ALA A 116 9.93 0.26 -6.13
C ALA A 116 10.24 1.56 -5.38
N ILE A 117 10.84 1.44 -4.19
CA ILE A 117 11.27 2.59 -3.38
C ILE A 117 12.38 3.38 -4.09
N ARG A 118 13.38 2.69 -4.65
CA ARG A 118 14.39 3.33 -5.53
C ARG A 118 13.70 4.13 -6.62
N ASP A 119 12.71 3.51 -7.25
CA ASP A 119 11.92 4.20 -8.27
C ASP A 119 11.17 5.40 -7.76
N ASP A 120 10.62 5.33 -6.54
CA ASP A 120 9.91 6.49 -5.95
C ASP A 120 10.89 7.62 -5.68
N ILE A 121 12.06 7.30 -5.15
CA ILE A 121 13.03 8.34 -4.84
C ILE A 121 13.43 9.07 -6.13
N GLU A 122 13.67 8.30 -7.18
CA GLU A 122 13.97 8.85 -8.51
C GLU A 122 12.84 9.68 -9.13
N ALA A 123 11.58 9.26 -8.97
CA ALA A 123 10.48 10.03 -9.54
C ALA A 123 9.95 11.14 -8.64
N GLN A 124 10.59 11.36 -7.49
CA GLN A 124 10.19 12.37 -6.50
C GLN A 124 8.84 12.08 -5.84
N ARG A 125 8.46 10.80 -5.77
CA ARG A 125 7.28 10.42 -4.98
C ARG A 125 7.73 10.19 -3.54
N PRO A 126 7.17 10.96 -2.60
CA PRO A 126 7.51 10.76 -1.19
C PRO A 126 7.14 9.34 -0.71
N VAL A 127 8.05 8.74 0.06
CA VAL A 127 7.87 7.39 0.56
C VAL A 127 8.66 7.26 1.89
N ALA A 128 8.03 6.61 2.88
CA ALA A 128 8.66 6.30 4.16
C ALA A 128 8.76 4.79 4.31
N VAL A 129 9.82 4.34 4.96
CA VAL A 129 9.93 2.97 5.39
C VAL A 129 9.92 2.97 6.90
N ALA A 130 8.97 2.22 7.48
CA ALA A 130 8.83 2.03 8.91
C ALA A 130 9.18 0.60 9.33
N THR A 131 10.23 0.45 10.14
CA THR A 131 10.73 -0.86 10.56
C THR A 131 10.68 -1.06 12.08
N VAL A 132 10.22 -2.23 12.51
CA VAL A 132 10.28 -2.60 13.93
C VAL A 132 11.70 -2.96 14.35
N ILE A 133 12.28 -2.16 15.23
CA ILE A 133 13.68 -2.34 15.65
C ILE A 133 13.80 -2.98 17.05
N THR A 134 12.73 -2.88 17.82
CA THR A 134 12.61 -3.40 19.17
C THR A 134 11.24 -3.96 19.40
N HIS A 135 11.14 -5.17 19.90
CA HIS A 135 9.88 -5.73 20.32
C HIS A 135 10.10 -6.88 21.27
N PRO A 136 9.12 -7.20 22.13
CA PRO A 136 9.21 -8.37 23.01
C PRO A 136 9.18 -9.70 22.28
N ASP A 137 8.31 -9.78 21.31
CA ASP A 137 8.21 -10.95 20.45
C ASP A 137 9.23 -10.79 19.35
N ALA A 138 10.28 -11.61 19.40
CA ALA A 138 11.42 -11.47 18.52
C ALA A 138 11.08 -11.66 17.05
N GLN A 139 9.97 -12.35 16.76
CA GLN A 139 9.54 -12.51 15.37
C GLN A 139 9.17 -11.17 14.68
N TRP A 140 8.88 -10.14 15.47
CA TRP A 140 8.45 -8.84 14.93
C TRP A 140 9.61 -8.01 14.43
N ILE A 141 10.80 -8.23 14.99
CA ILE A 141 11.96 -7.40 14.66
C ILE A 141 12.25 -7.42 13.18
N GLY A 142 12.31 -6.25 12.57
CA GLY A 142 12.68 -6.14 11.19
C GLY A 142 11.51 -6.26 10.23
N ARG A 143 10.31 -6.43 10.74
CA ARG A 143 9.12 -6.29 9.94
C ARG A 143 8.98 -4.84 9.53
N ARG A 144 8.46 -4.59 8.34
CA ARG A 144 8.37 -3.22 7.84
C ARG A 144 7.11 -2.86 7.11
N LEU A 145 6.78 -1.57 7.15
CA LEU A 145 5.71 -1.00 6.34
C LEU A 145 6.35 -0.05 5.34
N VAL A 146 5.88 -0.08 4.10
CA VAL A 146 6.25 0.96 3.14
C VAL A 146 5.07 1.87 2.98
N VAL A 147 5.26 3.13 3.34
CA VAL A 147 4.17 4.08 3.52
C VAL A 147 4.26 5.19 2.46
N HIS A 148 3.19 5.37 1.70
CA HIS A 148 3.00 6.54 0.86
C HIS A 148 1.88 7.39 1.42
N THR A 149 1.64 8.54 0.80
CA THR A 149 0.53 9.41 1.18
C THR A 149 -0.79 8.66 1.15
N ASP A 150 -0.94 7.88 0.08
CA ASP A 150 -2.19 7.33 -0.41
C ASP A 150 -2.20 5.80 -0.30
N GLU A 151 -1.16 5.20 0.26
CA GLU A 151 -0.99 3.75 0.20
C GLU A 151 -0.09 3.25 1.33
N VAL A 152 -0.30 2.00 1.74
CA VAL A 152 0.66 1.33 2.64
C VAL A 152 0.81 -0.14 2.25
N ALA A 153 2.05 -0.63 2.19
CA ALA A 153 2.30 -2.07 1.97
C ALA A 153 3.02 -2.73 3.15
N GLY A 154 2.75 -4.00 3.39
CA GLY A 154 3.46 -4.75 4.41
C GLY A 154 2.61 -4.85 5.65
N SER A 155 3.11 -5.56 6.64
CA SER A 155 2.39 -5.72 7.89
C SER A 155 3.37 -5.88 9.01
N LEU A 156 3.11 -5.18 10.11
CA LEU A 156 3.89 -5.32 11.32
C LEU A 156 3.45 -6.53 12.15
N GLY A 157 2.30 -7.08 11.82
CA GLY A 157 1.79 -8.28 12.50
C GLY A 157 0.45 -8.11 13.22
N SER A 158 -0.06 -6.88 13.24
CA SER A 158 -1.32 -6.57 13.92
C SER A 158 -1.95 -5.33 13.30
N SER A 159 -3.28 -5.34 13.20
CA SER A 159 -4.02 -4.25 12.59
CA SER A 159 -4.01 -4.24 12.58
C SER A 159 -3.86 -2.96 13.38
N ARG A 160 -3.73 -3.08 14.69
CA ARG A 160 -3.61 -1.92 15.55
C ARG A 160 -2.24 -1.28 15.40
N ALA A 161 -1.20 -2.11 15.37
CA ALA A 161 0.14 -1.64 15.07
C ALA A 161 0.19 -1.01 13.65
N ASP A 162 -0.34 -1.68 12.64
CA ASP A 162 -0.33 -1.12 11.29
C ASP A 162 -1.01 0.23 11.23
N ALA A 163 -2.17 0.34 11.87
CA ALA A 163 -2.94 1.58 11.90
C ALA A 163 -2.16 2.74 12.54
N ALA A 164 -1.57 2.49 13.71
CA ALA A 164 -0.84 3.53 14.49
C ALA A 164 0.39 4.06 13.74
N VAL A 165 1.25 3.11 13.35
CA VAL A 165 2.48 3.41 12.66
C VAL A 165 2.22 4.08 11.31
N THR A 166 1.23 3.57 10.56
CA THR A 166 0.93 4.15 9.24
C THR A 166 0.66 5.62 9.41
N ASP A 167 -0.23 5.93 10.37
CA ASP A 167 -0.59 7.29 10.65
C ASP A 167 0.60 8.15 11.02
N ASP A 168 1.37 7.71 11.99
CA ASP A 168 2.52 8.49 12.46
C ASP A 168 3.59 8.63 11.40
N ALA A 169 3.78 7.61 10.57
CA ALA A 169 4.79 7.66 9.50
C ALA A 169 4.46 8.71 8.44
N ARG A 170 3.19 8.79 8.06
CA ARG A 170 2.71 9.78 7.09
C ARG A 170 2.91 11.18 7.59
N GLY A 171 2.73 11.40 8.89
CA GLY A 171 3.00 12.69 9.49
C GLY A 171 4.46 13.07 9.42
N LEU A 172 5.36 12.12 9.74
CA LEU A 172 6.79 12.33 9.64
C LEU A 172 7.21 12.52 8.19
N LEU A 173 6.68 11.68 7.30
CA LEU A 173 6.95 11.84 5.87
C LEU A 173 6.59 13.22 5.35
N ALA A 174 5.43 13.74 5.75
CA ALA A 174 4.94 15.03 5.27
C ALA A 174 5.91 16.14 5.67
N ALA A 175 6.60 15.93 6.78
CA ALA A 175 7.60 16.86 7.31
C ALA A 175 9.01 16.55 6.84
N GLY A 176 9.22 15.43 6.18
CA GLY A 176 10.55 14.98 5.77
C GLY A 176 11.38 14.49 6.93
N ARG A 177 10.75 14.06 8.03
CA ARG A 177 11.49 13.64 9.26
C ARG A 177 11.67 12.14 9.41
N SER A 178 12.83 11.75 9.94
CA SER A 178 13.09 10.36 10.33
C SER A 178 13.34 10.27 11.84
N GLU A 179 12.62 9.35 12.48
CA GLU A 179 12.59 9.21 13.92
C GLU A 179 12.23 7.82 14.39
N VAL A 180 12.58 7.53 15.65
CA VAL A 180 12.14 6.33 16.35
C VAL A 180 10.87 6.67 17.15
N LEU A 181 9.79 5.98 16.80
CA LEU A 181 8.55 6.09 17.55
C LEU A 181 8.39 4.87 18.47
N THR A 182 7.83 5.10 19.66
CA THR A 182 7.71 4.08 20.69
C THR A 182 6.24 3.76 20.98
N TYR A 183 5.91 2.47 21.01
CA TYR A 183 4.54 2.03 21.28
C TYR A 183 4.56 0.89 22.26
N GLY A 184 3.39 0.52 22.76
CA GLY A 184 3.21 -0.76 23.42
C GLY A 184 3.27 -1.88 22.39
N PRO A 185 3.28 -3.10 22.84
CA PRO A 185 3.42 -4.26 21.99
C PRO A 185 2.35 -4.44 20.96
N ASP A 186 1.20 -3.83 21.09
CA ASP A 186 0.24 -3.96 20.04
C ASP A 186 0.05 -2.66 19.31
N GLY A 187 1.01 -1.77 19.47
CA GLY A 187 0.90 -0.47 18.85
C GLY A 187 0.03 0.50 19.63
N GLN A 188 -0.11 0.29 20.93
CA GLN A 188 -0.78 1.27 21.79
C GLN A 188 0.11 2.46 22.07
N ARG A 189 -0.45 3.65 21.90
CA ARG A 189 0.27 4.87 22.11
C ARG A 189 0.67 5.09 23.53
N ARG A 190 1.90 5.49 23.71
CA ARG A 190 2.45 5.76 25.01
C ARG A 190 2.78 4.49 25.75
N GLY A 191 2.55 3.37 25.11
CA GLY A 191 2.89 2.08 25.66
C GLY A 191 4.38 2.00 25.52
N GLU A 192 4.98 1.00 26.13
CA GLU A 192 6.43 0.76 26.04
C GLU A 192 6.66 -0.58 25.39
N GLY A 193 7.87 -0.79 24.88
CA GLY A 193 8.29 -2.13 24.47
C GLY A 193 8.49 -2.35 22.98
N MET A 194 7.82 -1.54 22.17
CA MET A 194 7.98 -1.60 20.74
C MET A 194 8.48 -0.29 20.20
N GLU A 195 9.56 -0.37 19.41
CA GLU A 195 10.14 0.80 18.76
C GLU A 195 10.23 0.56 17.29
N VAL A 196 9.89 1.61 16.54
CA VAL A 196 9.73 1.58 15.10
C VAL A 196 10.56 2.72 14.51
N PHE A 197 11.50 2.43 13.61
CA PHE A 197 12.23 3.53 12.95
C PHE A 197 11.49 3.93 11.70
N VAL A 198 11.09 5.19 11.59
CA VAL A 198 10.53 5.69 10.34
C VAL A 198 11.61 6.45 9.62
N SER A 199 11.92 5.99 8.43
CA SER A 199 12.93 6.60 7.57
C SER A 199 12.24 7.20 6.39
N SER A 200 12.24 8.54 6.31
CA SER A 200 11.53 9.30 5.30
C SER A 200 12.38 9.69 4.13
N TYR A 201 11.85 9.42 2.94
CA TYR A 201 12.47 9.84 1.68
C TYR A 201 11.48 10.79 0.96
N ALA A 202 11.62 12.07 1.30
CA ALA A 202 10.87 13.17 0.72
C ALA A 202 11.81 13.94 -0.19
N PRO A 203 11.30 14.51 -1.29
CA PRO A 203 12.16 15.34 -2.12
C PRO A 203 12.63 16.59 -1.39
N ARG A 204 13.67 17.21 -1.93
CA ARG A 204 14.18 18.47 -1.43
CA ARG A 204 14.17 18.49 -1.44
C ARG A 204 13.03 19.47 -1.27
N PRO A 205 12.97 20.17 -0.13
CA PRO A 205 11.89 21.14 -0.04
C PRO A 205 12.20 22.37 -0.92
N ARG A 206 11.15 23.08 -1.32
CA ARG A 206 11.28 24.22 -2.22
C ARG A 206 11.29 25.57 -1.47
N MET A 207 12.19 26.46 -1.87
CA MET A 207 12.06 27.85 -1.50
C MET A 207 11.72 28.63 -2.75
N LEU A 208 10.59 29.35 -2.72
CA LEU A 208 10.18 30.19 -3.85
C LEU A 208 10.38 31.68 -3.54
N VAL A 209 11.17 32.34 -4.37
CA VAL A 209 11.55 33.72 -4.14
C VAL A 209 10.89 34.53 -5.23
N PHE A 210 9.91 35.36 -4.85
CA PHE A 210 9.19 36.21 -5.79
C PHE A 210 9.68 37.63 -5.75
N GLY A 211 10.26 38.07 -6.88
CA GLY A 211 10.99 39.35 -6.97
C GLY A 211 12.46 39.13 -7.22
N ALA A 212 12.86 39.18 -8.46
CA ALA A 212 14.22 38.93 -8.80
C ALA A 212 15.12 40.15 -8.74
N ILE A 213 15.10 40.83 -7.61
CA ILE A 213 16.04 41.94 -7.35
C ILE A 213 17.40 41.38 -6.88
N ASP A 214 18.43 42.22 -6.76
CA ASP A 214 19.78 41.68 -6.48
C ASP A 214 19.81 40.92 -5.15
N PHE A 215 19.09 41.44 -4.17
CA PHE A 215 18.99 40.81 -2.86
C PHE A 215 18.47 39.35 -2.91
N ALA A 216 17.63 38.99 -3.90
CA ALA A 216 17.24 37.59 -4.13
C ALA A 216 18.42 36.60 -4.19
N ALA A 217 19.54 37.03 -4.73
CA ALA A 217 20.72 36.14 -4.76
C ALA A 217 21.15 35.73 -3.35
N ALA A 218 21.20 36.70 -2.41
CA ALA A 218 21.57 36.43 -1.01
C ALA A 218 20.57 35.51 -0.32
N VAL A 219 19.28 35.76 -0.55
CA VAL A 219 18.21 34.87 -0.06
C VAL A 219 18.38 33.46 -0.63
N ALA A 220 18.64 33.35 -1.95
CA ALA A 220 18.79 32.03 -2.58
C ALA A 220 20.05 31.26 -2.12
N GLN A 221 21.15 31.96 -1.83
CA GLN A 221 22.33 31.29 -1.26
C GLN A 221 22.06 30.66 0.12
N GLN A 222 21.34 31.37 0.99
CA GLN A 222 20.90 30.82 2.30
C GLN A 222 19.92 29.67 2.17
N GLY A 223 18.97 29.79 1.26
CA GLY A 223 18.07 28.66 0.95
C GLY A 223 18.82 27.42 0.48
N ALA A 224 19.74 27.57 -0.48
CA ALA A 224 20.62 26.48 -0.88
C ALA A 224 21.46 25.94 0.30
N PHE A 225 22.04 26.83 1.09
CA PHE A 225 22.79 26.36 2.25
C PHE A 225 21.92 25.48 3.19
N LEU A 226 20.66 25.87 3.38
CA LEU A 226 19.72 25.12 4.21
C LEU A 226 19.09 23.88 3.52
N GLY A 227 19.47 23.61 2.28
CA GLY A 227 19.01 22.39 1.62
C GLY A 227 17.77 22.54 0.76
N TYR A 228 17.30 23.77 0.55
CA TYR A 228 16.14 24.00 -0.32
C TYR A 228 16.48 24.03 -1.78
N ARG A 229 15.55 23.59 -2.59
CA ARG A 229 15.64 23.83 -4.01
C ARG A 229 14.95 25.18 -4.28
N VAL A 230 15.70 26.12 -4.84
CA VAL A 230 15.25 27.51 -4.93
C VAL A 230 14.80 27.88 -6.35
N THR A 231 13.58 28.39 -6.45
CA THR A 231 13.06 29.00 -7.67
C THR A 231 12.97 30.51 -7.47
N VAL A 232 13.61 31.26 -8.35
CA VAL A 232 13.43 32.70 -8.41
C VAL A 232 12.46 33.03 -9.54
N CYS A 233 11.45 33.85 -9.25
CA CYS A 233 10.38 34.19 -10.22
C CYS A 233 10.05 35.68 -10.21
N ASP A 234 10.01 36.27 -11.39
CA ASP A 234 9.70 37.68 -11.60
C ASP A 234 9.01 37.83 -12.98
N ALA A 235 8.02 38.70 -13.08
CA ALA A 235 7.36 39.00 -14.38
C ALA A 235 8.30 39.72 -15.34
N ARG A 236 9.41 40.25 -14.86
CA ARG A 236 10.32 41.07 -15.66
C ARG A 236 11.52 40.26 -16.21
N PRO A 237 11.54 39.99 -17.54
CA PRO A 237 12.58 39.17 -18.16
C PRO A 237 14.01 39.66 -17.93
N VAL A 238 14.21 40.97 -17.76
CA VAL A 238 15.55 41.54 -17.61
C VAL A 238 16.10 41.16 -16.24
N PHE A 239 15.19 41.06 -15.27
CA PHE A 239 15.52 40.71 -13.90
C PHE A 239 15.65 39.19 -13.68
N ALA A 240 14.63 38.43 -14.05
CA ALA A 240 14.63 36.99 -13.79
C ALA A 240 15.44 36.30 -14.85
N THR A 241 16.74 36.19 -14.60
CA THR A 241 17.73 35.76 -15.57
C THR A 241 18.65 34.75 -14.91
N THR A 242 19.07 33.73 -15.64
CA THR A 242 20.03 32.71 -15.15
C THR A 242 21.37 33.34 -14.78
N ALA A 243 21.79 34.33 -15.57
CA ALA A 243 23.04 35.04 -15.37
C ALA A 243 23.08 35.76 -14.03
N ARG A 244 21.99 36.46 -13.70
CA ARG A 244 21.88 37.20 -12.45
C ARG A 244 21.77 36.30 -11.24
N PHE A 245 21.21 35.09 -11.44
CA PHE A 245 21.13 34.06 -10.38
C PHE A 245 21.66 32.72 -10.88
N PRO A 246 23.00 32.58 -10.94
CA PRO A 246 23.60 31.37 -11.49
C PRO A 246 23.50 30.12 -10.59
N THR A 247 23.25 30.32 -9.29
CA THR A 247 23.16 29.20 -8.34
C THR A 247 21.72 28.76 -8.04
N ALA A 248 20.72 29.53 -8.44
CA ALA A 248 19.36 29.09 -8.26
C ALA A 248 19.14 27.87 -9.14
N ASP A 249 18.47 26.87 -8.57
CA ASP A 249 18.07 25.68 -9.29
C ASP A 249 17.22 26.05 -10.51
N GLU A 250 16.44 27.11 -10.37
CA GLU A 250 15.49 27.49 -11.40
C GLU A 250 15.15 28.99 -11.33
N VAL A 251 15.04 29.58 -12.51
CA VAL A 251 14.74 31.00 -12.68
C VAL A 251 13.62 31.10 -13.73
N VAL A 252 12.43 31.57 -13.33
CA VAL A 252 11.31 31.64 -14.25
C VAL A 252 10.78 33.07 -14.47
N VAL A 253 10.24 33.37 -15.65
CA VAL A 253 9.60 34.66 -15.88
C VAL A 253 8.13 34.40 -15.92
N ASP A 254 7.38 34.94 -14.96
CA ASP A 254 5.95 34.69 -14.86
C ASP A 254 5.38 35.76 -13.93
N TRP A 255 4.08 36.03 -13.99
CA TRP A 255 3.42 36.70 -12.86
C TRP A 255 3.52 35.80 -11.63
N PRO A 256 4.09 36.31 -10.53
CA PRO A 256 4.20 35.50 -9.30
C PRO A 256 2.95 34.72 -8.91
N HIS A 257 1.78 35.37 -8.91
CA HIS A 257 0.56 34.70 -8.46
C HIS A 257 0.11 33.60 -9.41
N ARG A 258 0.34 33.81 -10.71
CA ARG A 258 0.08 32.78 -11.71
C ARG A 258 1.02 31.57 -11.51
N TYR A 259 2.28 31.82 -11.19
CA TYR A 259 3.18 30.73 -10.97
C TYR A 259 2.83 29.94 -9.70
N LEU A 260 2.63 30.64 -8.60
CA LEU A 260 2.25 29.98 -7.35
C LEU A 260 0.99 29.15 -7.51
N ALA A 261 -0.05 29.72 -8.13
CA ALA A 261 -1.33 29.01 -8.22
C ALA A 261 -1.19 27.74 -9.04
N ALA A 262 -0.37 27.82 -10.08
CA ALA A 262 -0.04 26.67 -10.92
C ALA A 262 0.70 25.56 -10.16
N GLN A 263 1.68 25.93 -9.33
CA GLN A 263 2.37 24.95 -8.46
C GLN A 263 1.40 24.27 -7.49
N ALA A 264 0.50 25.04 -6.89
CA ALA A 264 -0.45 24.51 -5.94
C ALA A 264 -1.33 23.49 -6.65
N GLU A 265 -1.88 23.86 -7.79
CA GLU A 265 -2.72 22.97 -8.59
C GLU A 265 -1.99 21.71 -9.06
N ALA A 266 -0.72 21.83 -9.40
CA ALA A 266 0.07 20.70 -9.83
C ALA A 266 0.52 19.80 -8.67
N GLY A 267 0.32 20.26 -7.44
CA GLY A 267 0.87 19.57 -6.27
C GLY A 267 2.39 19.64 -6.27
N ALA A 268 2.97 20.74 -6.75
CA ALA A 268 4.44 20.89 -6.74
C ALA A 268 4.93 21.71 -5.55
N ILE A 269 4.06 21.93 -4.58
CA ILE A 269 4.38 22.60 -3.36
C ILE A 269 3.79 21.82 -2.22
N ASP A 270 4.53 21.61 -1.17
CA ASP A 270 4.07 20.86 -0.03
C ASP A 270 4.15 21.63 1.27
N ALA A 271 3.97 20.93 2.36
CA ALA A 271 3.96 21.53 3.67
C ALA A 271 5.26 22.10 4.16
N ARG A 272 6.36 21.79 3.53
CA ARG A 272 7.64 22.41 3.85
C ARG A 272 8.05 23.55 2.93
N THR A 273 7.23 23.83 1.91
CA THR A 273 7.48 24.93 1.00
C THR A 273 7.58 26.26 1.77
N VAL A 274 8.51 27.10 1.35
CA VAL A 274 8.87 28.37 1.96
C VAL A 274 8.77 29.42 0.84
N VAL A 275 7.97 30.48 1.05
CA VAL A 275 7.76 31.56 0.07
C VAL A 275 8.36 32.87 0.58
N CYS A 276 9.22 33.53 -0.22
CA CYS A 276 9.73 34.87 0.11
C CYS A 276 9.25 35.87 -0.90
N VAL A 277 8.60 36.92 -0.42
CA VAL A 277 8.09 37.96 -1.31
C VAL A 277 9.00 39.18 -1.18
N LEU A 278 9.76 39.42 -2.23
CA LEU A 278 10.72 40.51 -2.24
C LEU A 278 10.25 41.68 -3.10
N THR A 279 8.98 41.76 -3.39
CA THR A 279 8.46 42.93 -4.10
C THR A 279 7.41 43.57 -3.21
N HIS A 280 7.27 44.90 -3.31
CA HIS A 280 6.07 45.59 -2.82
C HIS A 280 5.35 46.37 -3.97
N ASP A 281 5.50 45.87 -5.18
CA ASP A 281 4.76 46.43 -6.29
C ASP A 281 3.34 45.87 -6.19
N PRO A 282 2.34 46.74 -5.97
CA PRO A 282 0.95 46.32 -5.72
C PRO A 282 0.36 45.47 -6.84
N LYS A 283 0.87 45.68 -8.04
CA LYS A 283 0.48 44.91 -9.21
C LYS A 283 0.79 43.41 -9.00
N PHE A 284 1.86 43.12 -8.27
CA PHE A 284 2.33 41.74 -8.11
C PHE A 284 2.10 41.17 -6.72
N ASP A 285 2.36 41.96 -5.67
CA ASP A 285 2.38 41.42 -4.30
C ASP A 285 1.03 41.05 -3.71
N VAL A 286 0.00 41.83 -3.98
CA VAL A 286 -1.35 41.57 -3.46
C VAL A 286 -2.01 40.33 -4.06
N PRO A 287 -2.06 40.23 -5.42
CA PRO A 287 -2.51 38.98 -6.05
C PRO A 287 -1.70 37.76 -5.60
N LEU A 288 -0.37 37.90 -5.53
CA LEU A 288 0.48 36.84 -4.98
C LEU A 288 0.11 36.38 -3.56
N LEU A 289 -0.05 37.34 -2.65
CA LEU A 289 -0.39 37.02 -1.25
C LEU A 289 -1.86 36.60 -1.09
N GLU A 290 -2.72 37.06 -1.99
CA GLU A 290 -4.06 36.48 -2.10
C GLU A 290 -4.06 34.98 -2.33
N VAL A 291 -3.18 34.51 -3.23
CA VAL A 291 -2.94 33.07 -3.43
C VAL A 291 -2.21 32.40 -2.24
N ALA A 292 -1.06 32.93 -1.86
CA ALA A 292 -0.20 32.30 -0.88
C ALA A 292 -0.86 32.18 0.48
N LEU A 293 -1.44 33.29 0.95
CA LEU A 293 -2.08 33.25 2.26
C LEU A 293 -3.33 32.39 2.31
N ARG A 294 -3.78 31.87 1.19
CA ARG A 294 -4.94 31.03 1.17
C ARG A 294 -4.67 29.59 0.87
N LEU A 295 -3.41 29.25 0.73
CA LEU A 295 -3.03 27.89 0.41
C LEU A 295 -3.13 27.09 1.66
N PRO A 296 -3.51 25.81 1.56
CA PRO A 296 -3.47 24.92 2.71
C PRO A 296 -2.03 24.77 3.12
N ASP A 297 -1.81 24.87 4.40
CA ASP A 297 -0.62 25.44 4.94
C ASP A 297 0.72 24.96 4.39
N ILE A 298 1.55 25.96 4.17
CA ILE A 298 2.87 25.80 3.68
C ILE A 298 3.69 26.31 4.78
N ALA A 299 4.97 26.14 4.76
CA ALA A 299 5.74 26.38 5.97
C ALA A 299 5.87 27.85 6.35
N TYR A 300 6.00 28.75 5.37
CA TYR A 300 6.44 30.10 5.68
C TYR A 300 6.11 31.03 4.55
N ILE A 301 5.63 32.23 4.88
CA ILE A 301 5.31 33.21 3.85
C ILE A 301 5.82 34.54 4.35
N GLY A 302 6.95 34.96 3.85
CA GLY A 302 7.55 36.17 4.36
C GLY A 302 7.47 37.26 3.32
N ALA A 303 7.38 38.50 3.80
CA ALA A 303 7.36 39.65 2.93
C ALA A 303 8.35 40.70 3.38
N MET A 304 9.26 41.06 2.47
CA MET A 304 10.27 42.06 2.70
C MET A 304 9.72 43.49 2.78
N GLY A 305 10.35 44.28 3.65
CA GLY A 305 10.03 45.69 3.71
C GLY A 305 10.44 46.31 5.02
N SER A 306 10.66 47.61 5.01
CA SER A 306 10.72 48.44 6.18
C SER A 306 9.36 48.43 6.86
N ARG A 307 9.30 49.05 8.03
CA ARG A 307 8.07 49.10 8.79
C ARG A 307 7.00 49.90 8.01
N ARG A 308 7.41 50.99 7.35
CA ARG A 308 6.53 51.74 6.45
C ARG A 308 5.94 50.88 5.32
N THR A 309 6.78 50.08 4.67
CA THR A 309 6.33 49.21 3.58
C THR A 309 5.40 48.12 4.10
N HIS A 310 5.78 47.53 5.21
CA HIS A 310 5.00 46.50 5.92
C HIS A 310 3.56 46.97 6.21
N GLU A 311 3.41 48.16 6.81
CA GLU A 311 2.10 48.67 7.18
C GLU A 311 1.28 49.08 5.98
N ASP A 312 1.94 49.66 4.98
CA ASP A 312 1.28 49.99 3.71
C ASP A 312 0.80 48.75 2.99
N ARG A 313 1.62 47.70 2.96
CA ARG A 313 1.18 46.44 2.37
C ARG A 313 -0.01 45.80 3.14
N LEU A 314 0.01 45.85 4.46
CA LEU A 314 -1.09 45.30 5.24
C LEU A 314 -2.40 46.02 4.97
N ALA A 315 -2.32 47.36 4.88
CA ALA A 315 -3.48 48.18 4.57
C ALA A 315 -4.06 47.71 3.24
N ARG A 316 -3.20 47.61 2.24
CA ARG A 316 -3.57 47.15 0.91
C ARG A 316 -4.13 45.75 0.88
N LEU A 317 -3.65 44.87 1.74
CA LEU A 317 -4.17 43.50 1.77
C LEU A 317 -5.54 43.44 2.46
N ARG A 318 -5.73 44.18 3.55
CA ARG A 318 -7.04 44.32 4.18
C ARG A 318 -8.03 44.86 3.17
N GLU A 319 -7.61 45.88 2.45
CA GLU A 319 -8.43 46.49 1.43
C GLU A 319 -8.80 45.51 0.34
N ALA A 320 -7.91 44.57 0.02
CA ALA A 320 -8.21 43.54 -0.98
C ALA A 320 -9.11 42.38 -0.48
N GLY A 321 -9.40 42.33 0.82
CA GLY A 321 -10.26 41.27 1.33
C GLY A 321 -9.62 40.22 2.24
N LEU A 322 -8.33 40.35 2.54
CA LEU A 322 -7.68 39.42 3.43
C LEU A 322 -8.15 39.55 4.85
N THR A 323 -8.32 38.38 5.48
CA THR A 323 -8.82 38.32 6.83
C THR A 323 -7.63 38.32 7.74
N GLU A 324 -7.86 38.74 8.98
CA GLU A 324 -6.85 38.73 10.01
C GLU A 324 -6.27 37.35 10.26
N GLU A 325 -7.07 36.30 10.10
CA GLU A 325 -6.58 34.93 10.22
C GLU A 325 -5.59 34.55 9.11
N GLU A 326 -5.89 34.95 7.87
CA GLU A 326 -4.98 34.77 6.73
C GLU A 326 -3.69 35.61 6.88
N LEU A 327 -3.86 36.87 7.27
CA LEU A 327 -2.77 37.80 7.56
C LEU A 327 -1.84 37.30 8.68
N ALA A 328 -2.39 36.59 9.66
CA ALA A 328 -1.62 35.94 10.72
C ALA A 328 -0.59 34.92 10.23
N ARG A 329 -0.76 34.40 9.03
CA ARG A 329 0.16 33.51 8.35
C ARG A 329 1.40 34.21 7.78
N LEU A 330 1.36 35.50 7.70
CA LEU A 330 2.38 36.26 7.04
C LEU A 330 3.45 36.68 8.02
N SER A 331 4.70 36.37 7.69
CA SER A 331 5.84 36.91 8.43
C SER A 331 6.34 38.22 7.78
N SER A 332 5.92 39.34 8.37
CA SER A 332 6.28 40.66 7.88
C SER A 332 6.48 41.60 9.09
N PRO A 333 7.53 42.45 9.07
CA PRO A 333 8.63 42.49 8.07
C PRO A 333 9.43 41.19 8.18
N ILE A 334 10.11 40.80 7.11
CA ILE A 334 10.62 39.45 6.99
C ILE A 334 11.87 39.29 7.86
N GLY A 335 12.09 38.07 8.38
CA GLY A 335 13.27 37.77 9.16
C GLY A 335 13.13 38.06 10.64
N LEU A 336 14.03 37.50 11.43
CA LEU A 336 14.13 37.86 12.83
C LEU A 336 14.68 39.27 12.93
N ASP A 337 14.28 39.99 13.97
CA ASP A 337 14.86 41.31 14.13
C ASP A 337 16.14 41.19 14.94
N LEU A 338 17.25 41.18 14.22
CA LEU A 338 18.58 41.01 14.76
C LEU A 338 19.34 42.30 14.72
N GLY A 339 18.82 43.27 13.99
CA GLY A 339 19.44 44.58 13.88
C GLY A 339 20.39 44.71 12.70
N GLY A 340 20.53 43.66 11.92
CA GLY A 340 21.42 43.67 10.75
C GLY A 340 21.03 44.65 9.65
N ARG A 341 22.02 45.24 9.01
CA ARG A 341 21.78 46.26 7.98
C ARG A 341 22.05 45.78 6.56
N THR A 342 23.07 44.97 6.38
CA THR A 342 23.49 44.59 5.04
C THR A 342 22.50 43.57 4.46
N PRO A 343 22.50 43.38 3.13
CA PRO A 343 21.74 42.29 2.53
C PRO A 343 22.10 40.90 3.10
N GLU A 344 23.39 40.71 3.42
CA GLU A 344 23.86 39.45 3.96
C GLU A 344 23.30 39.18 5.35
N GLU A 345 23.26 40.21 6.19
CA GLU A 345 22.66 40.11 7.52
C GLU A 345 21.16 39.87 7.44
N THR A 346 20.50 40.55 6.49
CA THR A 346 19.07 40.37 6.31
C THR A 346 18.77 38.94 5.86
N ALA A 347 19.58 38.42 4.95
CA ALA A 347 19.43 37.05 4.46
C ALA A 347 19.55 36.06 5.61
N VAL A 348 20.53 36.26 6.50
CA VAL A 348 20.70 35.42 7.69
C VAL A 348 19.49 35.52 8.62
N SER A 349 18.98 36.74 8.81
CA SER A 349 17.82 36.93 9.66
CA SER A 349 17.79 36.97 9.63
C SER A 349 16.59 36.20 9.12
N ILE A 350 16.45 36.17 7.80
CA ILE A 350 15.38 35.40 7.13
C ILE A 350 15.56 33.88 7.32
N ALA A 351 16.76 33.36 7.05
CA ALA A 351 17.04 31.91 7.27
C ALA A 351 16.78 31.50 8.72
N ALA A 352 17.15 32.36 9.66
CA ALA A 352 16.91 32.10 11.08
C ALA A 352 15.40 32.07 11.42
N GLU A 353 14.61 33.00 10.86
CA GLU A 353 13.16 32.95 11.07
C GLU A 353 12.51 31.71 10.50
N ILE A 354 12.91 31.32 9.31
CA ILE A 354 12.44 30.06 8.72
C ILE A 354 12.70 28.87 9.66
N ILE A 355 13.95 28.70 10.11
CA ILE A 355 14.26 27.63 11.07
C ILE A 355 13.43 27.76 12.36
N ALA A 356 13.37 28.95 12.93
CA ALA A 356 12.61 29.11 14.17
C ALA A 356 11.13 28.73 14.00
N LYS A 357 10.53 29.06 12.86
CA LYS A 357 9.10 28.78 12.67
C LYS A 357 8.73 27.31 12.55
N ARG A 358 9.62 26.50 11.98
CA ARG A 358 9.37 25.06 11.91
C ARG A 358 9.90 24.25 13.13
N TRP A 359 10.86 24.83 13.87
CA TRP A 359 11.69 24.13 14.90
C TRP A 359 12.44 22.90 14.35
N GLY A 360 13.43 23.16 13.48
CA GLY A 360 14.21 22.10 12.86
C GLY A 360 13.46 20.82 12.57
N VAL B 5 -17.66 -7.93 -12.10
CA VAL B 5 -17.26 -6.93 -13.13
C VAL B 5 -16.33 -7.54 -14.19
N ARG B 6 -15.86 -8.76 -13.92
CA ARG B 6 -14.92 -9.49 -14.79
C ARG B 6 -15.31 -9.64 -16.27
N ASP B 7 -16.62 -9.69 -16.55
CA ASP B 7 -17.13 -9.84 -17.92
C ASP B 7 -17.11 -8.53 -18.71
N VAL B 8 -17.56 -7.44 -18.07
CA VAL B 8 -17.62 -6.12 -18.71
C VAL B 8 -16.39 -5.25 -18.39
N LEU B 9 -15.37 -5.88 -17.80
CA LEU B 9 -14.10 -5.23 -17.49
C LEU B 9 -13.38 -4.75 -18.74
N GLY B 10 -13.55 -5.50 -19.84
CA GLY B 10 -12.98 -5.10 -21.14
C GLY B 10 -13.54 -3.78 -21.61
N THR B 11 -14.87 -3.69 -21.67
CA THR B 11 -15.56 -2.48 -22.15
C THR B 11 -15.27 -1.28 -21.26
N LEU B 12 -15.29 -1.50 -19.95
CA LEU B 12 -15.03 -0.45 -18.95
C LEU B 12 -13.58 0.01 -18.99
N SER B 13 -12.67 -0.95 -19.17
CA SER B 13 -11.24 -0.65 -19.22
C SER B 13 -10.87 0.18 -20.45
N ALA B 14 -11.56 -0.06 -21.57
CA ALA B 14 -11.39 0.76 -22.78
C ALA B 14 -11.88 2.20 -22.60
N VAL B 15 -13.00 2.37 -21.91
CA VAL B 15 -13.54 3.71 -21.58
C VAL B 15 -12.61 4.41 -20.59
N TRP B 16 -12.08 3.63 -19.64
CA TRP B 16 -11.16 4.14 -18.62
C TRP B 16 -9.87 4.68 -19.25
N GLU B 17 -9.29 3.92 -20.18
CA GLU B 17 -8.08 4.29 -20.92
C GLU B 17 -8.27 5.54 -21.78
N SER B 18 -9.41 5.61 -22.47
CA SER B 18 -9.70 6.72 -23.39
C SER B 18 -9.85 8.05 -22.68
N GLY B 19 -10.03 8.02 -21.37
CA GLY B 19 -10.11 9.24 -20.55
C GLY B 19 -11.53 9.69 -20.25
N GLY B 20 -12.51 8.97 -20.80
CA GLY B 20 -13.92 9.30 -20.60
C GLY B 20 -14.49 8.68 -19.35
N THR B 21 -15.64 9.20 -18.92
CA THR B 21 -16.32 8.71 -17.73
C THR B 21 -17.38 7.66 -18.07
N ALA B 22 -17.39 6.58 -17.30
CA ALA B 22 -18.40 5.53 -17.43
C ALA B 22 -19.34 5.57 -16.23
N GLY B 23 -20.58 5.15 -16.44
CA GLY B 23 -21.54 4.98 -15.35
C GLY B 23 -21.65 3.50 -15.02
N VAL B 24 -21.19 3.13 -13.85
CA VAL B 24 -21.20 1.72 -13.43
C VAL B 24 -22.23 1.53 -12.32
N GLY B 25 -23.14 0.58 -12.53
CA GLY B 25 -24.10 0.17 -11.51
C GLY B 25 -23.77 -1.24 -11.09
N THR B 26 -23.70 -1.46 -9.79
CA THR B 26 -23.27 -2.76 -9.25
C THR B 26 -24.32 -3.25 -8.25
N VAL B 27 -24.71 -4.52 -8.36
CA VAL B 27 -25.59 -5.10 -7.36
C VAL B 27 -24.81 -5.41 -6.08
N VAL B 28 -25.37 -4.94 -4.98
CA VAL B 28 -24.76 -5.00 -3.67
C VAL B 28 -25.43 -6.08 -2.79
N ARG B 29 -26.76 -6.09 -2.82
CA ARG B 29 -27.60 -7.09 -2.13
C ARG B 29 -28.55 -7.79 -3.11
N THR B 30 -28.65 -9.11 -2.97
CA THR B 30 -29.51 -9.94 -3.83
C THR B 30 -30.23 -11.07 -3.08
N PRO B 37 -27.11 -11.21 -8.70
CA PRO B 37 -25.91 -11.83 -8.11
C PRO B 37 -24.93 -10.76 -7.64
N ALA B 38 -24.81 -10.50 -6.35
CA ALA B 38 -24.02 -9.33 -5.97
C ALA B 38 -22.60 -9.47 -6.45
N GLY B 39 -22.17 -8.41 -7.12
CA GLY B 39 -20.93 -8.38 -7.83
C GLY B 39 -21.22 -8.02 -9.28
N ALA B 40 -22.37 -8.47 -9.79
CA ALA B 40 -22.75 -8.17 -11.18
C ALA B 40 -22.97 -6.69 -11.41
N SER B 41 -22.57 -6.22 -12.59
CA SER B 41 -22.59 -4.79 -12.90
C SER B 41 -22.87 -4.48 -14.36
N MET B 42 -23.55 -3.36 -14.60
CA MET B 42 -23.70 -2.81 -15.94
C MET B 42 -22.91 -1.53 -16.07
N VAL B 43 -22.39 -1.29 -17.27
CA VAL B 43 -21.60 -0.08 -17.56
C VAL B 43 -22.15 0.69 -18.77
N VAL B 44 -22.36 1.99 -18.57
CA VAL B 44 -22.82 2.88 -19.64
C VAL B 44 -21.64 3.71 -20.16
N ALA B 45 -21.24 3.45 -21.40
CA ALA B 45 -20.15 4.20 -22.05
C ALA B 45 -20.58 5.65 -22.36
N PRO B 46 -19.60 6.56 -22.64
CA PRO B 46 -19.95 7.97 -22.86
C PRO B 46 -20.67 8.21 -24.20
N ASP B 47 -20.60 7.24 -25.10
CA ASP B 47 -21.40 7.28 -26.32
C ASP B 47 -22.83 6.80 -26.04
N GLY B 48 -23.04 6.22 -24.85
CA GLY B 48 -24.36 5.77 -24.40
C GLY B 48 -24.52 4.26 -24.28
N THR B 49 -23.66 3.51 -24.95
CA THR B 49 -23.84 2.04 -25.09
C THR B 49 -23.76 1.27 -23.77
N VAL B 50 -24.52 0.17 -23.70
CA VAL B 50 -24.66 -0.61 -22.47
C VAL B 50 -24.27 -2.07 -22.65
N SER B 51 -23.44 -2.54 -21.73
CA SER B 51 -23.10 -3.96 -21.62
C SER B 51 -23.25 -4.41 -20.16
N GLY B 52 -23.41 -5.71 -19.96
CA GLY B 52 -23.66 -6.27 -18.62
C GLY B 52 -25.09 -6.02 -18.16
N SER B 53 -25.45 -6.61 -17.03
CA SER B 53 -26.82 -6.49 -16.53
C SER B 53 -26.88 -6.55 -15.01
N VAL B 54 -27.67 -5.65 -14.43
CA VAL B 54 -27.89 -5.64 -12.98
C VAL B 54 -29.08 -6.53 -12.56
N SER B 55 -30.20 -6.33 -13.22
CA SER B 55 -31.39 -7.13 -12.97
C SER B 55 -31.58 -8.33 -13.88
N GLY B 56 -32.67 -9.02 -13.61
CA GLY B 56 -33.18 -10.12 -14.39
C GLY B 56 -33.53 -9.63 -15.76
N GLY B 57 -33.93 -8.37 -15.85
CA GLY B 57 -34.66 -7.82 -16.96
C GLY B 57 -35.30 -6.52 -16.53
N CYS B 58 -36.21 -6.52 -15.58
CA CYS B 58 -36.77 -5.22 -15.20
C CYS B 58 -35.84 -4.33 -14.41
N VAL B 59 -36.10 -3.05 -14.59
CA VAL B 59 -35.37 -1.92 -13.96
C VAL B 59 -33.98 -1.59 -14.54
N GLU B 60 -33.58 -2.32 -15.58
CA GLU B 60 -32.32 -2.08 -16.28
C GLU B 60 -32.41 -0.73 -17.01
N GLY B 61 -33.61 -0.36 -17.44
CA GLY B 61 -33.82 0.93 -18.05
C GLY B 61 -33.67 2.08 -17.08
N ALA B 62 -34.06 1.85 -15.82
CA ALA B 62 -34.03 2.87 -14.77
C ALA B 62 -32.64 2.99 -14.13
N VAL B 63 -31.88 1.90 -14.20
CA VAL B 63 -30.48 1.90 -13.78
C VAL B 63 -29.62 2.61 -14.83
N TYR B 64 -30.04 2.49 -16.10
CA TYR B 64 -29.40 3.18 -17.22
C TYR B 64 -29.51 4.70 -17.11
N ASP B 65 -30.72 5.18 -16.80
CA ASP B 65 -30.98 6.61 -16.68
C ASP B 65 -30.30 7.22 -15.46
N LEU B 66 -30.22 6.42 -14.39
CA LEU B 66 -29.55 6.82 -13.15
C LEU B 66 -28.05 6.96 -13.38
N ALA B 67 -27.48 5.96 -14.04
CA ALA B 67 -26.07 5.95 -14.44
C ALA B 67 -25.72 7.16 -15.30
N THR B 68 -26.56 7.44 -16.28
CA THR B 68 -26.39 8.61 -17.16
C THR B 68 -26.38 9.93 -16.38
N GLU B 69 -27.23 10.00 -15.35
CA GLU B 69 -27.33 11.16 -14.46
C GLU B 69 -26.17 11.24 -13.48
N VAL B 70 -25.77 10.08 -12.97
CA VAL B 70 -24.62 9.94 -12.06
C VAL B 70 -23.34 10.49 -12.68
N VAL B 71 -23.12 10.20 -13.96
CA VAL B 71 -21.97 10.73 -14.71
C VAL B 71 -22.04 12.26 -14.83
N ALA B 72 -23.26 12.79 -14.97
CA ALA B 72 -23.49 14.22 -15.15
C ALA B 72 -23.34 15.06 -13.88
N THR B 73 -23.77 14.53 -12.74
CA THR B 73 -23.58 15.18 -11.43
C THR B 73 -22.14 14.97 -10.93
N GLY B 74 -21.68 13.72 -11.03
CA GLY B 74 -20.39 13.30 -10.50
C GLY B 74 -20.49 12.66 -9.13
N THR B 75 -21.73 12.53 -8.64
CA THR B 75 -21.99 12.10 -7.26
C THR B 75 -22.79 10.79 -7.19
N PRO B 76 -22.17 9.72 -6.64
CA PRO B 76 -22.75 8.37 -6.56
C PRO B 76 -24.02 8.23 -5.70
N VAL B 77 -24.80 7.20 -6.01
CA VAL B 77 -26.13 6.93 -5.43
C VAL B 77 -26.34 5.43 -5.22
N LEU B 78 -26.82 5.05 -4.02
CA LEU B 78 -27.30 3.69 -3.79
C LEU B 78 -28.83 3.69 -3.94
N GLN B 79 -29.33 3.01 -4.96
CA GLN B 79 -30.77 2.96 -5.25
C GLN B 79 -31.37 1.61 -4.92
N ARG B 80 -32.57 1.63 -4.34
CA ARG B 80 -33.25 0.40 -3.95
C ARG B 80 -34.32 0.00 -4.97
N TYR B 81 -34.41 -1.29 -5.24
CA TYR B 81 -35.43 -1.85 -6.14
C TYR B 81 -36.00 -3.15 -5.58
N GLY B 96 -39.65 -7.88 -9.34
CA GLY B 96 -39.83 -8.00 -7.90
C GLY B 96 -38.72 -8.79 -7.21
N GLY B 97 -38.07 -8.16 -6.24
CA GLY B 97 -36.99 -8.80 -5.46
C GLY B 97 -36.21 -7.83 -4.57
N ILE B 98 -35.48 -8.39 -3.60
CA ILE B 98 -34.54 -7.60 -2.78
C ILE B 98 -33.33 -7.20 -3.65
N LEU B 99 -33.30 -5.93 -4.06
CA LEU B 99 -32.22 -5.44 -4.93
C LEU B 99 -31.67 -4.05 -4.55
N ASP B 100 -30.35 -4.00 -4.32
CA ASP B 100 -29.64 -2.76 -4.02
C ASP B 100 -28.52 -2.55 -5.04
N VAL B 101 -28.63 -1.46 -5.81
CA VAL B 101 -27.66 -1.14 -6.87
C VAL B 101 -26.89 0.15 -6.60
N PHE B 102 -25.58 0.04 -6.46
CA PHE B 102 -24.74 1.22 -6.29
C PHE B 102 -24.24 1.71 -7.64
N VAL B 103 -24.37 3.01 -7.88
CA VAL B 103 -23.98 3.60 -9.15
C VAL B 103 -22.99 4.75 -8.95
N GLU B 104 -21.89 4.71 -9.69
CA GLU B 104 -20.81 5.69 -9.53
C GLU B 104 -20.19 6.07 -10.88
N PRO B 105 -19.64 7.30 -10.99
CA PRO B 105 -18.83 7.66 -12.16
C PRO B 105 -17.40 7.09 -12.05
N VAL B 106 -16.96 6.43 -13.12
CA VAL B 106 -15.64 5.80 -13.17
C VAL B 106 -14.79 6.36 -14.31
N SER B 107 -13.59 6.82 -13.96
CA SER B 107 -12.64 7.44 -14.89
C SER B 107 -11.27 7.48 -14.25
N GLN B 108 -10.26 7.85 -15.03
CA GLN B 108 -8.89 7.97 -14.49
C GLN B 108 -8.82 8.97 -13.36
N LYS B 109 -9.70 9.96 -13.39
CA LYS B 109 -9.81 10.97 -12.34
C LYS B 109 -10.51 10.41 -11.08
N THR B 110 -11.63 9.71 -11.25
CA THR B 110 -12.43 9.18 -10.14
C THR B 110 -11.89 7.87 -9.57
N PHE B 111 -11.35 7.02 -10.44
CA PHE B 111 -10.90 5.66 -10.07
C PHE B 111 -9.52 5.35 -10.67
N PRO B 112 -8.45 5.98 -10.12
CA PRO B 112 -7.10 5.86 -10.71
C PRO B 112 -6.49 4.44 -10.70
N GLN B 113 -6.94 3.58 -9.79
CA GLN B 113 -6.36 2.23 -9.65
C GLN B 113 -6.98 1.17 -10.57
N LEU B 114 -7.96 1.56 -11.38
CA LEU B 114 -8.70 0.60 -12.20
C LEU B 114 -7.83 -0.14 -13.22
N GLY B 115 -6.90 0.56 -13.85
CA GLY B 115 -5.92 -0.08 -14.71
C GLY B 115 -5.17 -1.17 -13.96
N ALA B 116 -4.66 -0.81 -12.77
CA ALA B 116 -3.95 -1.75 -11.89
C ALA B 116 -4.82 -2.92 -11.43
N ILE B 117 -6.09 -2.68 -11.15
CA ILE B 117 -7.01 -3.73 -10.72
C ILE B 117 -7.29 -4.71 -11.85
N ARG B 118 -7.56 -4.17 -13.04
CA ARG B 118 -7.69 -4.96 -14.26
C ARG B 118 -6.48 -5.87 -14.48
N ASP B 119 -5.28 -5.32 -14.29
CA ASP B 119 -4.04 -6.09 -14.39
C ASP B 119 -3.89 -7.15 -13.31
N ASP B 120 -4.37 -6.84 -12.10
CA ASP B 120 -4.42 -7.79 -10.99
C ASP B 120 -5.29 -8.98 -11.32
N ILE B 121 -6.45 -8.72 -11.93
CA ILE B 121 -7.39 -9.76 -12.30
C ILE B 121 -6.82 -10.65 -13.42
N GLU B 122 -6.17 -10.02 -14.40
CA GLU B 122 -5.52 -10.72 -15.52
C GLU B 122 -4.39 -11.65 -15.07
N ALA B 123 -3.57 -11.16 -14.14
CA ALA B 123 -2.33 -11.84 -13.74
C ALA B 123 -2.45 -12.68 -12.46
N GLN B 124 -3.69 -12.94 -12.05
CA GLN B 124 -4.01 -13.91 -10.99
C GLN B 124 -3.77 -13.45 -9.55
N ARG B 125 -3.39 -12.19 -9.35
CA ARG B 125 -3.22 -11.70 -8.00
C ARG B 125 -4.52 -11.17 -7.42
N PRO B 126 -4.91 -11.66 -6.23
CA PRO B 126 -6.18 -11.31 -5.64
C PRO B 126 -6.24 -9.85 -5.25
N VAL B 127 -7.42 -9.27 -5.40
CA VAL B 127 -7.65 -7.87 -5.08
C VAL B 127 -9.12 -7.75 -4.70
N ALA B 128 -9.40 -6.85 -3.78
CA ALA B 128 -10.77 -6.53 -3.37
C ALA B 128 -10.97 -5.01 -3.43
N VAL B 129 -12.17 -4.55 -3.82
CA VAL B 129 -12.48 -3.12 -3.77
C VAL B 129 -13.56 -2.85 -2.73
N ALA B 130 -13.24 -2.03 -1.71
CA ALA B 130 -14.17 -1.71 -0.65
C ALA B 130 -14.72 -0.29 -0.76
N THR B 131 -16.00 -0.17 -1.15
CA THR B 131 -16.66 1.13 -1.40
C THR B 131 -17.78 1.42 -0.41
N VAL B 132 -17.74 2.62 0.17
CA VAL B 132 -18.78 3.08 1.09
C VAL B 132 -20.05 3.46 0.32
N ILE B 133 -21.09 2.66 0.55
CA ILE B 133 -22.36 2.86 -0.13
C ILE B 133 -23.31 3.75 0.69
N THR B 134 -23.32 3.59 2.01
CA THR B 134 -24.02 4.51 2.92
C THR B 134 -23.21 4.94 4.13
N HIS B 135 -23.33 6.22 4.45
CA HIS B 135 -22.71 6.83 5.62
C HIS B 135 -23.51 8.07 6.00
N PRO B 136 -23.72 8.34 7.33
CA PRO B 136 -24.40 9.56 7.74
C PRO B 136 -23.85 10.83 7.06
N ASP B 137 -22.52 10.97 7.05
CA ASP B 137 -21.85 12.02 6.28
C ASP B 137 -21.85 11.63 4.79
N ALA B 138 -22.53 12.45 3.97
CA ALA B 138 -22.68 12.17 2.54
C ALA B 138 -21.39 12.41 1.74
N GLN B 139 -20.41 13.02 2.38
CA GLN B 139 -19.07 13.21 1.82
C GLN B 139 -18.29 11.89 1.69
N TRP B 140 -18.73 10.86 2.42
CA TRP B 140 -18.02 9.59 2.50
C TRP B 140 -18.47 8.58 1.45
N ILE B 141 -19.67 8.77 0.90
CA ILE B 141 -20.26 7.88 -0.11
C ILE B 141 -19.36 7.73 -1.34
N GLY B 142 -19.05 6.47 -1.68
CA GLY B 142 -18.25 6.17 -2.86
C GLY B 142 -16.75 6.26 -2.69
N ARG B 143 -16.29 6.59 -1.48
CA ARG B 143 -14.86 6.49 -1.18
C ARG B 143 -14.50 5.01 -1.11
N ARG B 144 -13.30 4.67 -1.55
CA ARG B 144 -12.89 3.28 -1.56
C ARG B 144 -11.44 3.02 -1.17
N LEU B 145 -11.21 1.78 -0.72
CA LEU B 145 -9.89 1.23 -0.54
C LEU B 145 -9.72 0.16 -1.57
N VAL B 146 -8.49 -0.02 -2.04
CA VAL B 146 -8.18 -1.12 -2.93
C VAL B 146 -7.26 -2.04 -2.17
N VAL B 147 -7.79 -3.21 -1.79
CA VAL B 147 -7.16 -4.06 -0.81
C VAL B 147 -6.50 -5.28 -1.45
N HIS B 148 -5.24 -5.50 -1.13
CA HIS B 148 -4.55 -6.73 -1.47
C HIS B 148 -4.21 -7.49 -0.20
N THR B 149 -3.63 -8.68 -0.33
CA THR B 149 -3.24 -9.46 0.85
C THR B 149 -2.19 -8.71 1.70
N ASP B 150 -1.25 -8.03 1.05
CA ASP B 150 -0.12 -7.43 1.76
C ASP B 150 0.01 -5.94 1.44
N GLU B 151 -1.10 -5.30 1.08
CA GLU B 151 -1.07 -3.91 0.63
C GLU B 151 -2.49 -3.31 0.64
N VAL B 152 -2.59 -2.00 0.87
CA VAL B 152 -3.86 -1.28 0.77
C VAL B 152 -3.63 0.14 0.20
N ALA B 153 -4.52 0.59 -0.68
CA ALA B 153 -4.48 1.93 -1.26
C ALA B 153 -5.79 2.70 -1.06
N GLY B 154 -5.70 4.01 -0.82
CA GLY B 154 -6.87 4.86 -0.66
C GLY B 154 -7.24 5.13 0.78
N SER B 155 -8.27 5.96 1.00
CA SER B 155 -8.74 6.30 2.36
C SER B 155 -10.23 6.55 2.41
N LEU B 156 -10.85 6.02 3.45
CA LEU B 156 -12.29 6.19 3.65
C LEU B 156 -12.65 7.51 4.34
N GLY B 157 -11.69 8.11 5.04
CA GLY B 157 -11.91 9.38 5.71
C GLY B 157 -11.47 9.35 7.16
N SER B 158 -11.02 8.18 7.62
CA SER B 158 -10.60 8.00 9.00
C SER B 158 -9.65 6.81 9.13
N SER B 159 -8.72 6.91 10.07
CA SER B 159 -7.71 5.89 10.30
C SER B 159 -8.31 4.60 10.86
N ARG B 160 -9.28 4.75 11.77
CA ARG B 160 -9.97 3.61 12.39
C ARG B 160 -10.91 2.90 11.43
N ALA B 161 -11.59 3.69 10.59
CA ALA B 161 -12.43 3.16 9.51
C ALA B 161 -11.60 2.39 8.50
N ASP B 162 -10.42 2.90 8.18
CA ASP B 162 -9.50 2.23 7.27
C ASP B 162 -9.02 0.90 7.81
N ALA B 163 -8.60 0.86 9.08
CA ALA B 163 -8.07 -0.35 9.73
C ALA B 163 -9.05 -1.53 9.81
N ALA B 164 -10.28 -1.25 10.20
CA ALA B 164 -11.32 -2.27 10.33
C ALA B 164 -11.81 -2.77 8.97
N VAL B 165 -11.98 -1.86 8.02
CA VAL B 165 -12.42 -2.23 6.68
C VAL B 165 -11.40 -3.13 5.97
N THR B 166 -10.12 -2.75 5.97
CA THR B 166 -9.10 -3.55 5.29
C THR B 166 -8.83 -4.90 5.96
N ASP B 167 -9.09 -4.99 7.27
CA ASP B 167 -9.06 -6.27 7.96
C ASP B 167 -10.16 -7.20 7.46
N ASP B 168 -11.38 -6.68 7.44
CA ASP B 168 -12.55 -7.46 7.05
C ASP B 168 -12.51 -7.77 5.57
N ALA B 169 -12.12 -6.79 4.76
CA ALA B 169 -12.01 -6.98 3.32
C ALA B 169 -10.95 -8.04 2.99
N ARG B 170 -9.87 -8.09 3.76
CA ARG B 170 -8.85 -9.13 3.58
C ARG B 170 -9.34 -10.55 3.84
N GLY B 171 -9.97 -10.78 5.00
CA GLY B 171 -10.57 -12.08 5.29
C GLY B 171 -11.54 -12.52 4.19
N LEU B 172 -12.48 -11.61 3.90
CA LEU B 172 -13.45 -11.78 2.83
C LEU B 172 -12.78 -12.15 1.51
N LEU B 173 -11.71 -11.45 1.16
CA LEU B 173 -10.97 -11.70 -0.09
C LEU B 173 -10.32 -13.09 -0.12
N ALA B 174 -9.78 -13.51 1.03
CA ALA B 174 -9.16 -14.84 1.22
C ALA B 174 -10.15 -16.00 0.98
N ALA B 175 -11.43 -15.72 1.22
CA ALA B 175 -12.52 -16.67 1.03
C ALA B 175 -13.21 -16.46 -0.32
N GLY B 176 -12.74 -15.48 -1.09
CA GLY B 176 -13.30 -15.14 -2.40
C GLY B 176 -14.71 -14.58 -2.39
N ARG B 177 -15.09 -13.94 -1.28
CA ARG B 177 -16.47 -13.55 -1.05
C ARG B 177 -16.72 -12.06 -1.22
N SER B 178 -17.91 -11.71 -1.70
CA SER B 178 -18.34 -10.30 -1.82
C SER B 178 -19.55 -10.05 -0.93
N GLU B 179 -19.51 -9.01 -0.13
CA GLU B 179 -20.54 -8.74 0.87
C GLU B 179 -20.70 -7.26 1.26
N VAL B 180 -21.76 -6.96 1.97
CA VAL B 180 -21.98 -5.65 2.53
C VAL B 180 -21.76 -5.75 4.03
N LEU B 181 -20.66 -5.16 4.49
CA LEU B 181 -20.35 -5.08 5.91
C LEU B 181 -20.81 -3.74 6.43
N THR B 182 -21.40 -3.72 7.62
CA THR B 182 -21.89 -2.47 8.22
C THR B 182 -21.13 -2.12 9.49
N TYR B 183 -20.98 -0.82 9.75
CA TYR B 183 -20.30 -0.30 10.94
C TYR B 183 -20.96 1.03 11.34
N GLY B 184 -20.55 1.57 12.49
CA GLY B 184 -20.92 2.93 12.88
C GLY B 184 -20.26 4.00 12.01
N PRO B 185 -20.48 5.27 12.32
CA PRO B 185 -19.98 6.32 11.46
C PRO B 185 -18.46 6.41 11.46
N ASP B 186 -17.77 5.64 12.27
CA ASP B 186 -16.33 5.80 12.24
C ASP B 186 -15.57 4.50 12.33
N GLY B 187 -16.22 3.40 11.98
CA GLY B 187 -15.58 2.11 11.98
C GLY B 187 -15.89 1.25 13.17
N GLN B 188 -16.98 1.52 13.85
CA GLN B 188 -17.38 0.82 15.07
C GLN B 188 -18.03 -0.50 14.68
N ARG B 189 -17.39 -1.60 15.03
CA ARG B 189 -17.95 -2.88 14.70
C ARG B 189 -19.21 -3.18 15.49
N ARG B 190 -20.21 -3.59 14.74
CA ARG B 190 -21.52 -3.98 15.23
C ARG B 190 -22.18 -2.68 15.59
N GLY B 191 -21.49 -1.60 15.23
CA GLY B 191 -22.03 -0.27 15.32
C GLY B 191 -22.83 -0.20 14.05
N GLU B 192 -23.61 0.84 13.89
CA GLU B 192 -24.37 1.01 12.66
C GLU B 192 -24.45 2.44 12.13
N GLY B 193 -24.77 2.56 10.84
CA GLY B 193 -24.83 3.85 10.15
C GLY B 193 -24.07 3.88 8.85
N MET B 194 -22.96 3.12 8.79
CA MET B 194 -22.12 3.06 7.59
C MET B 194 -22.07 1.66 7.01
N GLU B 195 -22.30 1.55 5.70
CA GLU B 195 -22.20 0.27 5.02
C GLU B 195 -21.14 0.33 3.93
N VAL B 196 -20.29 -0.70 3.88
CA VAL B 196 -19.29 -0.82 2.81
C VAL B 196 -19.47 -2.10 2.00
N PHE B 197 -19.56 -1.93 0.68
CA PHE B 197 -19.55 -3.08 -0.23
C PHE B 197 -18.13 -3.50 -0.61
N VAL B 198 -17.83 -4.76 -0.31
CA VAL B 198 -16.56 -5.38 -0.61
C VAL B 198 -16.71 -6.29 -1.83
N SER B 199 -16.18 -5.86 -2.95
CA SER B 199 -16.16 -6.62 -4.19
C SER B 199 -14.81 -7.36 -4.27
N SER B 200 -14.83 -8.69 -4.15
CA SER B 200 -13.62 -9.51 -4.16
C SER B 200 -13.31 -10.12 -5.51
N TYR B 201 -12.04 -10.09 -5.92
CA TYR B 201 -11.60 -10.72 -7.17
C TYR B 201 -10.48 -11.73 -6.91
N ALA B 202 -10.87 -12.89 -6.40
CA ALA B 202 -9.94 -14.00 -6.18
C ALA B 202 -9.94 -14.93 -7.40
N PRO B 203 -8.75 -15.45 -7.78
CA PRO B 203 -8.69 -16.44 -8.86
C PRO B 203 -9.41 -17.72 -8.43
N ARG B 204 -9.81 -18.55 -9.39
CA ARG B 204 -10.53 -19.79 -9.08
C ARG B 204 -9.77 -20.63 -8.06
N PRO B 205 -10.49 -21.18 -7.06
CA PRO B 205 -9.80 -22.03 -6.09
C PRO B 205 -9.40 -23.33 -6.77
N ARG B 206 -8.49 -24.11 -6.17
CA ARG B 206 -8.17 -25.37 -6.82
C ARG B 206 -8.62 -26.64 -6.10
N MET B 207 -9.04 -27.60 -6.92
CA MET B 207 -9.29 -28.95 -6.44
C MET B 207 -8.18 -29.86 -6.94
N LEU B 208 -7.48 -30.47 -6.00
CA LEU B 208 -6.43 -31.42 -6.33
C LEU B 208 -6.95 -32.84 -6.13
N VAL B 209 -7.05 -33.58 -7.22
CA VAL B 209 -7.46 -34.98 -7.18
C VAL B 209 -6.24 -35.87 -7.41
N PHE B 210 -5.98 -36.72 -6.43
CA PHE B 210 -4.86 -37.64 -6.49
C PHE B 210 -5.32 -39.09 -6.66
N GLY B 211 -4.91 -39.65 -7.77
CA GLY B 211 -5.22 -40.99 -8.18
C GLY B 211 -6.14 -40.88 -9.35
N ALA B 212 -5.62 -41.07 -10.54
CA ALA B 212 -6.42 -40.86 -11.71
C ALA B 212 -7.21 -42.09 -12.08
N ILE B 213 -8.04 -42.54 -11.17
CA ILE B 213 -8.92 -43.64 -11.44
C ILE B 213 -10.13 -43.13 -12.14
N ASP B 214 -10.77 -44.01 -12.87
CA ASP B 214 -11.92 -43.62 -13.70
C ASP B 214 -12.93 -42.77 -12.93
N PHE B 215 -13.00 -43.00 -11.62
CA PHE B 215 -13.87 -42.26 -10.70
C PHE B 215 -13.46 -40.77 -10.53
N ALA B 216 -12.20 -40.45 -10.80
CA ALA B 216 -11.72 -39.08 -10.63
C ALA B 216 -12.45 -38.10 -11.54
N ALA B 217 -12.89 -38.56 -12.71
CA ALA B 217 -13.61 -37.72 -13.70
C ALA B 217 -14.96 -37.21 -13.18
N ALA B 218 -15.61 -38.01 -12.35
CA ALA B 218 -16.84 -37.63 -11.67
C ALA B 218 -16.57 -36.57 -10.60
N VAL B 219 -15.49 -36.76 -9.86
CA VAL B 219 -15.07 -35.77 -8.86
C VAL B 219 -14.64 -34.49 -9.58
N ALA B 220 -13.86 -34.62 -10.63
CA ALA B 220 -13.42 -33.49 -11.47
C ALA B 220 -14.57 -32.67 -12.06
N GLN B 221 -15.64 -33.33 -12.50
CA GLN B 221 -16.79 -32.64 -13.07
C GLN B 221 -17.53 -31.86 -12.00
N GLN B 222 -17.67 -32.46 -10.82
CA GLN B 222 -18.31 -31.82 -9.68
C GLN B 222 -17.52 -30.62 -9.18
N GLY B 223 -16.19 -30.73 -9.26
CA GLY B 223 -15.28 -29.65 -8.89
C GLY B 223 -15.40 -28.49 -9.86
N ALA B 224 -15.36 -28.79 -11.16
CA ALA B 224 -15.58 -27.79 -12.21
C ALA B 224 -16.90 -27.04 -12.05
N PHE B 225 -18.00 -27.78 -12.00
CA PHE B 225 -19.33 -27.23 -11.74
C PHE B 225 -19.37 -26.30 -10.52
N LEU B 226 -18.58 -26.59 -9.50
CA LEU B 226 -18.54 -25.76 -8.30
C LEU B 226 -17.55 -24.59 -8.41
N GLY B 227 -16.89 -24.49 -9.57
CA GLY B 227 -15.99 -23.36 -9.86
C GLY B 227 -14.51 -23.60 -9.61
N TYR B 228 -14.15 -24.79 -9.18
CA TYR B 228 -12.75 -25.09 -8.88
C TYR B 228 -11.95 -25.35 -10.14
N ARG B 229 -10.66 -25.03 -10.08
CA ARG B 229 -9.72 -25.37 -11.14
C ARG B 229 -9.11 -26.69 -10.75
N VAL B 230 -9.38 -27.74 -11.52
CA VAL B 230 -9.05 -29.11 -11.12
C VAL B 230 -7.71 -29.60 -11.66
N THR B 231 -6.86 -30.09 -10.75
CA THR B 231 -5.66 -30.85 -11.13
C THR B 231 -5.80 -32.33 -10.74
N VAL B 232 -5.64 -33.20 -11.74
CA VAL B 232 -5.59 -34.64 -11.52
C VAL B 232 -4.14 -35.10 -11.56
N CYS B 233 -3.71 -35.82 -10.53
CA CYS B 233 -2.32 -36.28 -10.46
C CYS B 233 -2.15 -37.76 -10.05
N ASP B 234 -1.30 -38.46 -10.79
CA ASP B 234 -1.02 -39.88 -10.55
C ASP B 234 0.39 -40.25 -10.98
N ALA B 235 0.97 -41.27 -10.35
CA ALA B 235 2.29 -41.77 -10.74
C ALA B 235 2.26 -42.57 -12.04
N ARG B 236 1.07 -43.00 -12.45
CA ARG B 236 0.90 -43.80 -13.65
C ARG B 236 0.46 -42.98 -14.86
N PRO B 237 1.31 -42.92 -15.90
CA PRO B 237 1.06 -42.18 -17.14
C PRO B 237 -0.05 -42.76 -18.04
N VAL B 238 -0.25 -44.08 -18.00
CA VAL B 238 -1.36 -44.72 -18.75
C VAL B 238 -2.70 -44.25 -18.18
N PHE B 239 -2.73 -43.99 -16.88
CA PHE B 239 -3.91 -43.47 -16.18
C PHE B 239 -4.09 -41.96 -16.33
N ALA B 240 -3.03 -41.21 -16.04
CA ALA B 240 -3.08 -39.74 -16.01
C ALA B 240 -2.84 -39.08 -17.38
N THR B 241 -3.86 -39.15 -18.24
CA THR B 241 -3.85 -38.46 -19.54
C THR B 241 -5.01 -37.48 -19.66
N THR B 242 -4.81 -36.41 -20.43
CA THR B 242 -5.88 -35.43 -20.71
C THR B 242 -7.00 -36.07 -21.52
N ALA B 243 -6.63 -37.09 -22.30
CA ALA B 243 -7.57 -37.86 -23.12
C ALA B 243 -8.61 -38.58 -22.25
N ARG B 244 -8.22 -38.95 -21.04
CA ARG B 244 -9.10 -39.62 -20.08
C ARG B 244 -9.86 -38.61 -19.20
N PHE B 245 -9.26 -37.45 -18.95
CA PHE B 245 -9.91 -36.39 -18.21
C PHE B 245 -9.96 -35.10 -19.04
N PRO B 246 -10.98 -34.98 -19.91
CA PRO B 246 -11.09 -33.80 -20.77
C PRO B 246 -11.59 -32.55 -20.04
N THR B 247 -12.44 -32.73 -19.02
CA THR B 247 -12.97 -31.63 -18.21
C THR B 247 -11.90 -31.02 -17.28
N ALA B 248 -10.89 -31.82 -16.96
CA ALA B 248 -9.81 -31.39 -16.05
C ALA B 248 -8.98 -30.26 -16.64
N ASP B 249 -8.74 -29.24 -15.82
CA ASP B 249 -7.94 -28.10 -16.22
C ASP B 249 -6.49 -28.49 -16.46
N GLU B 250 -5.99 -29.40 -15.64
CA GLU B 250 -4.58 -29.79 -15.64
C GLU B 250 -4.45 -31.28 -15.32
N VAL B 251 -3.88 -32.06 -16.24
CA VAL B 251 -3.60 -33.48 -15.98
C VAL B 251 -2.10 -33.74 -15.91
N VAL B 252 -1.66 -34.23 -14.74
CA VAL B 252 -0.26 -34.29 -14.36
C VAL B 252 0.18 -35.73 -14.06
N VAL B 253 1.40 -36.07 -14.46
CA VAL B 253 2.03 -37.37 -14.14
C VAL B 253 3.16 -37.15 -13.13
N ASP B 254 2.94 -37.54 -11.88
CA ASP B 254 3.86 -37.25 -10.78
C ASP B 254 3.57 -38.15 -9.57
N TRP B 255 4.59 -38.38 -8.76
CA TRP B 255 4.39 -38.89 -7.40
C TRP B 255 3.55 -37.86 -6.65
N PRO B 256 2.35 -38.28 -6.19
CA PRO B 256 1.36 -37.38 -5.57
C PRO B 256 1.92 -36.50 -4.43
N HIS B 257 2.72 -37.08 -3.54
CA HIS B 257 3.31 -36.37 -2.41
C HIS B 257 4.34 -35.33 -2.86
N ARG B 258 5.09 -35.66 -3.91
CA ARG B 258 6.09 -34.76 -4.48
C ARG B 258 5.44 -33.56 -5.17
N TYR B 259 4.30 -33.80 -5.81
CA TYR B 259 3.57 -32.73 -6.47
C TYR B 259 2.97 -31.73 -5.47
N LEU B 260 2.36 -32.23 -4.40
CA LEU B 260 1.67 -31.39 -3.42
C LEU B 260 2.61 -30.51 -2.58
N ALA B 261 3.74 -31.10 -2.16
CA ALA B 261 4.76 -30.40 -1.39
C ALA B 261 5.36 -29.28 -2.22
N ALA B 262 5.54 -29.54 -3.52
CA ALA B 262 5.98 -28.53 -4.48
C ALA B 262 4.99 -27.35 -4.58
N GLN B 263 3.70 -27.67 -4.56
CA GLN B 263 2.63 -26.65 -4.56
C GLN B 263 2.64 -25.80 -3.29
N ALA B 264 2.93 -26.43 -2.14
CA ALA B 264 3.10 -25.73 -0.88
C ALA B 264 4.30 -24.77 -0.95
N GLU B 265 5.40 -25.23 -1.55
CA GLU B 265 6.63 -24.44 -1.72
C GLU B 265 6.43 -23.16 -2.53
N ALA B 266 5.61 -23.24 -3.56
CA ALA B 266 5.37 -22.11 -4.48
C ALA B 266 4.21 -21.22 -4.02
N GLY B 267 3.54 -21.63 -2.94
CA GLY B 267 2.34 -20.94 -2.48
C GLY B 267 1.21 -20.96 -3.50
N ALA B 268 1.11 -22.06 -4.24
CA ALA B 268 0.09 -22.21 -5.27
C ALA B 268 -1.18 -22.87 -4.73
N ILE B 269 -1.32 -22.86 -3.41
CA ILE B 269 -2.53 -23.31 -2.75
C ILE B 269 -2.89 -22.39 -1.58
N ASP B 270 -4.17 -22.19 -1.33
CA ASP B 270 -4.67 -21.26 -0.33
C ASP B 270 -5.71 -21.82 0.60
N ALA B 271 -6.19 -21.00 1.51
CA ALA B 271 -7.17 -21.38 2.52
C ALA B 271 -8.35 -22.17 1.94
N ARG B 272 -8.66 -21.93 0.66
CA ARG B 272 -9.81 -22.56 0.04
C ARG B 272 -9.48 -23.67 -0.97
N THR B 273 -8.24 -24.18 -0.89
CA THR B 273 -7.80 -25.37 -1.65
C THR B 273 -8.44 -26.66 -1.10
N VAL B 274 -8.81 -27.54 -2.02
CA VAL B 274 -9.49 -28.80 -1.69
C VAL B 274 -8.72 -30.02 -2.22
N VAL B 275 -8.52 -31.01 -1.36
CA VAL B 275 -7.75 -32.21 -1.72
C VAL B 275 -8.59 -33.48 -1.60
N CYS B 276 -8.55 -34.30 -2.65
CA CYS B 276 -9.21 -35.60 -2.70
C CYS B 276 -8.22 -36.70 -3.02
N VAL B 277 -8.13 -37.68 -2.12
CA VAL B 277 -7.27 -38.84 -2.31
C VAL B 277 -8.15 -40.02 -2.64
N LEU B 278 -7.95 -40.59 -3.82
CA LEU B 278 -8.78 -41.69 -4.31
C LEU B 278 -8.01 -43.01 -4.44
N THR B 279 -6.68 -42.93 -4.36
CA THR B 279 -5.80 -44.10 -4.29
C THR B 279 -5.62 -44.55 -2.83
N HIS B 280 -5.56 -45.86 -2.59
CA HIS B 280 -5.18 -46.39 -1.27
C HIS B 280 -3.95 -47.32 -1.29
N ASP B 281 -3.08 -47.11 -2.29
CA ASP B 281 -1.81 -47.81 -2.43
C ASP B 281 -0.77 -47.25 -1.43
N PRO B 282 -0.23 -48.11 -0.54
CA PRO B 282 0.80 -47.76 0.46
C PRO B 282 1.97 -46.90 -0.06
N LYS B 283 2.34 -47.10 -1.33
CA LYS B 283 3.48 -46.42 -1.93
C LYS B 283 3.23 -44.93 -2.17
N PHE B 284 1.99 -44.58 -2.54
CA PHE B 284 1.67 -43.21 -2.95
C PHE B 284 0.87 -42.41 -1.92
N ASP B 285 -0.08 -43.06 -1.25
CA ASP B 285 -1.06 -42.33 -0.42
C ASP B 285 -0.60 -41.96 1.00
N VAL B 286 0.20 -42.81 1.65
CA VAL B 286 0.75 -42.48 2.97
C VAL B 286 1.68 -41.25 2.90
N PRO B 287 2.62 -41.21 1.93
CA PRO B 287 3.50 -40.04 1.83
C PRO B 287 2.76 -38.74 1.46
N LEU B 288 1.63 -38.87 0.77
CA LEU B 288 0.79 -37.73 0.36
C LEU B 288 0.05 -37.09 1.54
N LEU B 289 -0.56 -37.94 2.36
CA LEU B 289 -1.26 -37.50 3.56
C LEU B 289 -0.28 -37.02 4.62
N GLU B 290 0.96 -37.52 4.56
CA GLU B 290 2.06 -37.03 5.38
C GLU B 290 2.31 -35.54 5.14
N VAL B 291 2.16 -35.10 3.89
CA VAL B 291 2.32 -33.69 3.51
C VAL B 291 1.02 -32.91 3.74
N ALA B 292 -0.08 -33.48 3.27
CA ALA B 292 -1.40 -32.83 3.29
C ALA B 292 -1.87 -32.43 4.69
N LEU B 293 -1.67 -33.32 5.65
CA LEU B 293 -2.16 -33.13 7.01
C LEU B 293 -1.19 -32.33 7.90
N ARG B 294 -0.06 -31.91 7.33
CA ARG B 294 0.92 -31.08 8.05
C ARG B 294 0.94 -29.64 7.50
N LEU B 295 0.06 -29.37 6.54
CA LEU B 295 0.01 -28.08 5.86
C LEU B 295 -0.69 -26.98 6.67
N PRO B 296 -0.26 -25.71 6.45
CA PRO B 296 -1.04 -24.55 6.90
C PRO B 296 -2.45 -24.58 6.30
N ASP B 297 -3.35 -23.76 6.84
CA ASP B 297 -4.79 -23.91 6.60
C ASP B 297 -5.24 -24.08 5.14
N ILE B 298 -5.71 -25.28 4.84
CA ILE B 298 -6.46 -25.56 3.61
C ILE B 298 -7.87 -26.06 3.97
N ALA B 299 -8.76 -26.11 3.00
CA ALA B 299 -10.19 -26.25 3.27
C ALA B 299 -10.68 -27.68 3.55
N TYR B 300 -10.09 -28.65 2.89
CA TYR B 300 -10.64 -30.00 2.92
C TYR B 300 -9.68 -31.05 2.40
N ILE B 301 -9.50 -32.10 3.21
CA ILE B 301 -8.67 -33.25 2.85
C ILE B 301 -9.51 -34.52 2.97
N GLY B 302 -9.87 -35.08 1.81
CA GLY B 302 -10.72 -36.25 1.78
C GLY B 302 -10.01 -37.45 1.20
N ALA B 303 -10.12 -38.58 1.89
CA ALA B 303 -9.59 -39.84 1.39
C ALA B 303 -10.73 -40.81 1.17
N MET B 304 -10.78 -41.40 -0.03
CA MET B 304 -11.83 -42.34 -0.36
C MET B 304 -11.58 -43.72 0.21
N GLY B 305 -12.66 -44.45 0.49
CA GLY B 305 -12.57 -45.82 1.00
C GLY B 305 -13.63 -46.10 2.03
N SER B 306 -13.88 -47.39 2.28
CA SER B 306 -14.85 -47.84 3.29
C SER B 306 -14.16 -48.17 4.62
N ARG B 307 -14.93 -48.74 5.55
CA ARG B 307 -14.44 -49.04 6.90
C ARG B 307 -13.17 -49.90 6.93
N ARG B 308 -13.05 -50.84 6.00
CA ARG B 308 -11.88 -51.72 5.96
C ARG B 308 -10.59 -51.03 5.45
N THR B 309 -10.66 -50.38 4.29
CA THR B 309 -9.51 -49.71 3.67
C THR B 309 -9.09 -48.41 4.36
N HIS B 310 -10.04 -47.81 5.09
CA HIS B 310 -9.84 -46.54 5.79
C HIS B 310 -9.14 -46.69 7.14
N GLU B 311 -9.47 -47.75 7.88
CA GLU B 311 -8.80 -48.08 9.15
C GLU B 311 -7.41 -48.65 8.90
N ASP B 312 -7.27 -49.34 7.77
CA ASP B 312 -5.99 -49.86 7.28
C ASP B 312 -5.05 -48.71 6.92
N ARG B 313 -5.61 -47.65 6.34
CA ARG B 313 -4.86 -46.43 6.02
C ARG B 313 -4.54 -45.63 7.29
N LEU B 314 -5.44 -45.68 8.27
CA LEU B 314 -5.27 -44.93 9.53
C LEU B 314 -4.16 -45.47 10.40
N ALA B 315 -4.09 -46.80 10.52
CA ALA B 315 -3.02 -47.46 11.27
C ALA B 315 -1.67 -47.17 10.61
N ARG B 316 -1.61 -47.42 9.31
CA ARG B 316 -0.44 -47.15 8.45
C ARG B 316 0.02 -45.70 8.57
N LEU B 317 -0.89 -44.79 8.94
CA LEU B 317 -0.59 -43.37 9.12
C LEU B 317 0.10 -43.08 10.46
N ARG B 318 -0.36 -43.73 11.54
CA ARG B 318 0.29 -43.60 12.84
C ARG B 318 1.72 -44.11 12.82
N GLU B 319 1.96 -45.13 12.01
CA GLU B 319 3.26 -45.77 11.85
C GLU B 319 4.28 -44.85 11.20
N ALA B 320 3.80 -43.95 10.34
CA ALA B 320 4.64 -42.93 9.73
C ALA B 320 4.91 -41.77 10.69
N GLY B 321 4.18 -41.75 11.81
CA GLY B 321 4.40 -40.77 12.88
C GLY B 321 3.29 -39.75 13.06
N LEU B 322 2.30 -39.77 12.17
CA LEU B 322 1.21 -38.79 12.15
C LEU B 322 0.41 -38.68 13.45
N THR B 323 0.35 -37.46 13.98
CA THR B 323 -0.29 -37.16 15.26
C THR B 323 -1.82 -37.19 15.18
N GLU B 324 -2.48 -37.24 16.33
CA GLU B 324 -3.95 -37.32 16.40
C GLU B 324 -4.62 -35.99 16.09
N GLU B 325 -3.92 -34.90 16.38
CA GLU B 325 -4.36 -33.55 16.04
C GLU B 325 -4.50 -33.40 14.52
N GLU B 326 -3.50 -33.94 13.81
CA GLU B 326 -3.43 -33.87 12.35
C GLU B 326 -4.41 -34.82 11.68
N LEU B 327 -4.62 -35.98 12.28
CA LEU B 327 -5.56 -36.98 11.74
C LEU B 327 -7.02 -36.54 11.91
N ALA B 328 -7.24 -35.53 12.75
CA ALA B 328 -8.56 -34.94 12.94
C ALA B 328 -9.02 -34.10 11.73
N ARG B 329 -8.07 -33.61 10.95
CA ARG B 329 -8.36 -32.83 9.73
C ARG B 329 -8.74 -33.68 8.52
N LEU B 330 -8.61 -35.00 8.63
CA LEU B 330 -8.94 -35.92 7.55
C LEU B 330 -10.45 -36.19 7.48
N SER B 331 -10.99 -36.14 6.26
CA SER B 331 -12.37 -36.55 6.02
C SER B 331 -12.38 -37.94 5.40
N SER B 332 -12.24 -38.95 6.25
CA SER B 332 -12.31 -40.33 5.83
C SER B 332 -13.34 -41.06 6.69
N PRO B 333 -14.26 -41.82 6.07
CA PRO B 333 -14.44 -41.93 4.61
C PRO B 333 -14.88 -40.61 3.97
N ILE B 334 -14.58 -40.45 2.70
CA ILE B 334 -14.87 -39.21 1.97
C ILE B 334 -16.37 -39.04 1.72
N GLY B 335 -16.87 -37.84 1.93
CA GLY B 335 -18.26 -37.50 1.60
C GLY B 335 -19.27 -37.77 2.70
N LEU B 336 -20.40 -37.07 2.61
CA LEU B 336 -21.52 -37.27 3.54
C LEU B 336 -22.20 -38.61 3.29
N ASP B 337 -22.74 -39.22 4.35
CA ASP B 337 -23.50 -40.45 4.17
C ASP B 337 -24.87 -40.20 3.53
N LEU B 338 -24.89 -40.22 2.21
CA LEU B 338 -26.12 -40.11 1.44
C LEU B 338 -26.63 -41.51 1.10
N GLY B 339 -25.71 -42.48 1.11
CA GLY B 339 -26.03 -43.88 0.89
C GLY B 339 -26.13 -44.33 -0.55
N GLY B 340 -25.65 -43.48 -1.47
CA GLY B 340 -25.63 -43.80 -2.90
C GLY B 340 -24.53 -44.78 -3.29
N ARG B 341 -24.77 -45.53 -4.36
CA ARG B 341 -23.83 -46.57 -4.80
C ARG B 341 -22.98 -46.14 -6.01
N THR B 342 -23.63 -45.60 -7.04
CA THR B 342 -22.96 -45.20 -8.27
C THR B 342 -21.86 -44.15 -8.00
N PRO B 343 -20.82 -44.09 -8.87
CA PRO B 343 -19.75 -43.08 -8.71
C PRO B 343 -20.23 -41.63 -8.82
N GLU B 344 -21.40 -41.42 -9.41
CA GLU B 344 -21.99 -40.07 -9.53
C GLU B 344 -22.62 -39.63 -8.23
N GLU B 345 -23.35 -40.53 -7.59
CA GLU B 345 -23.88 -40.30 -6.25
C GLU B 345 -22.76 -40.06 -5.24
N THR B 346 -21.65 -40.80 -5.41
CA THR B 346 -20.48 -40.65 -4.56
C THR B 346 -19.85 -39.27 -4.76
N ALA B 347 -19.74 -38.84 -6.01
CA ALA B 347 -19.12 -37.54 -6.35
C ALA B 347 -19.94 -36.37 -5.82
N VAL B 348 -21.26 -36.46 -5.96
CA VAL B 348 -22.17 -35.48 -5.37
C VAL B 348 -21.98 -35.42 -3.85
N SER B 349 -21.93 -36.59 -3.23
CA SER B 349 -21.74 -36.71 -1.78
C SER B 349 -20.47 -36.01 -1.26
N ILE B 350 -19.38 -36.14 -2.02
CA ILE B 350 -18.11 -35.50 -1.70
C ILE B 350 -18.21 -33.98 -1.86
N ALA B 351 -18.84 -33.54 -2.95
CA ALA B 351 -19.08 -32.12 -3.22
C ALA B 351 -19.98 -31.50 -2.15
N ALA B 352 -20.93 -32.30 -1.65
CA ALA B 352 -21.83 -31.87 -0.60
C ALA B 352 -21.11 -31.73 0.74
N GLU B 353 -20.09 -32.55 0.98
CA GLU B 353 -19.31 -32.45 2.21
C GLU B 353 -18.38 -31.24 2.17
N ILE B 354 -17.80 -31.00 0.99
CA ILE B 354 -16.93 -29.84 0.76
C ILE B 354 -17.67 -28.54 1.09
N ILE B 355 -18.92 -28.46 0.64
CA ILE B 355 -19.78 -27.29 0.91
C ILE B 355 -20.15 -27.18 2.39
N ALA B 356 -20.54 -28.29 3.00
CA ALA B 356 -20.98 -28.30 4.40
C ALA B 356 -19.90 -27.85 5.40
N LYS B 357 -18.64 -28.19 5.11
CA LYS B 357 -17.52 -27.82 5.98
C LYS B 357 -17.03 -26.41 5.72
N ARG B 358 -17.35 -25.88 4.54
CA ARG B 358 -16.99 -24.52 4.15
C ARG B 358 -17.87 -23.46 4.85
N TRP B 359 -19.07 -23.86 5.27
CA TRP B 359 -20.05 -22.94 5.89
C TRP B 359 -20.52 -23.41 7.26
C1 GOL C . 38.61 -3.43 9.77
O1 GOL C . 39.98 -3.54 10.07
C2 GOL C . 37.67 -4.14 10.74
O2 GOL C . 38.31 -5.12 11.52
C3 GOL C . 36.41 -4.65 10.00
O3 GOL C . 36.13 -6.04 10.13
C1 GOL D . 10.70 42.36 12.56
O1 GOL D . 11.67 42.10 11.57
C2 GOL D . 9.97 41.06 12.89
O2 GOL D . 8.64 41.34 13.28
C3 GOL D . 10.77 40.32 13.96
O3 GOL D . 10.02 39.31 14.63
C1 GOL E . 23.89 15.78 10.58
O1 GOL E . 24.83 15.49 11.60
C2 GOL E . 24.26 15.16 9.21
O2 GOL E . 25.60 15.37 8.84
C3 GOL E . 23.34 15.69 8.10
O3 GOL E . 22.53 14.65 7.59
C1 GOL F . 27.04 20.22 14.66
O1 GOL F . 25.88 20.77 15.24
C2 GOL F . 26.82 18.74 14.42
O2 GOL F . 25.46 18.47 14.17
C3 GOL F . 27.68 18.25 13.25
O3 GOL F . 27.23 17.01 12.77
C1 GOL G . -2.26 38.75 -15.56
O1 GOL G . -2.99 39.12 -14.42
C2 GOL G . -2.15 37.22 -15.64
O2 GOL G . -1.06 36.87 -16.47
C3 GOL G . -3.44 36.66 -16.23
O3 GOL G . -3.23 35.35 -16.74
C1 GOL H . 36.42 -2.83 7.47
O1 GOL H . 36.32 -3.13 6.10
C2 GOL H . 36.21 -1.34 7.76
O2 GOL H . 36.90 -0.91 8.93
C3 GOL H . 34.72 -1.03 7.88
O3 GOL H . 34.57 0.27 8.38
C1 GOL I . 21.91 24.28 -10.89
O1 GOL I . 22.49 25.50 -10.46
C2 GOL I . 21.01 24.45 -12.13
O2 GOL I . 20.43 25.74 -12.20
C3 GOL I . 19.93 23.35 -12.30
O3 GOL I . 19.57 22.69 -11.10
C ACT J . 1.92 40.28 10.38
O ACT J . 2.53 40.58 9.33
OXT ACT J . 0.84 39.68 10.22
CH3 ACT J . 2.48 40.62 11.74
C ACT K . 17.05 46.18 16.78
O ACT K . 17.67 46.78 17.69
OXT ACT K . 16.99 44.93 16.92
CH3 ACT K . 16.41 46.89 15.62
C ACT L . 22.79 33.18 -6.81
O ACT L . 22.41 32.91 -7.98
OXT ACT L . 22.04 32.76 -5.89
CH3 ACT L . 24.08 33.92 -6.52
#